data_1TK8
#
_entry.id   1TK8
#
_cell.length_a   106.177
_cell.length_b   215.710
_cell.length_c   52.155
_cell.angle_alpha   90.00
_cell.angle_beta   90.00
_cell.angle_gamma   90.00
#
_symmetry.space_group_name_H-M   'P 21 21 2'
#
loop_
_entity.id
_entity.type
_entity.pdbx_description
1 polymer "5'-D(*CP*GP*AP*AP*AP*AP*CP*GP*AP*CP*GP*GP*CP*CP*AP*GP*TP*GP*CP*CP*AP*(2DA))-3'"
2 polymer "5'-D(*CP*CP*CP*AP*(8OG)P*TP*GP*GP*CP*AP*CP*TP*GP*GP*CP*CP*GP*TP*CP*GP*TP*TP*TP*TP*CP*G)-3'"
3 polymer 'DNA polymerase'
4 polymer 'Thioredoxin 1'
5 non-polymer 'MAGNESIUM ION'
6 non-polymer 'SULFATE ION'
7 non-polymer "2',3'-DIDEOXY-THYMIDINE-5'-TRIPHOSPHATE"
8 non-polymer '2-(N-MORPHOLINO)-ETHANESULFONIC ACID'
9 non-polymer 'PENTAETHYLENE GLYCOL'
10 water water
#
loop_
_entity_poly.entity_id
_entity_poly.type
_entity_poly.pdbx_seq_one_letter_code
_entity_poly.pdbx_strand_id
1 'polydeoxyribonucleotide'
;(DC)(DG)(DA)(DA)(DA)(DA)(DC)(DG)(DA)(DC)(DG)(DG)(DC)(DC)(DA)(DG)(DT)(DG)(DC)(DC)
(DA)(2DA)
;
P
2 'polydeoxyribonucleotide'
;(DC)(DC)(DC)(DA)(8OG)(DT)(DG)(DG)(DC)(DA)(DC)(DT)(DG)(DG)(DC)(DC)(DG)(DT)(DC)
(DG)(DT)(DT)(DT)(DT)(DC)(DG)
;
T
3 'polypeptide(L)'
;MIVSDIEANALLESVTKFHCGVIYDYSTAEYVSYRPSDFGAYLDALEAEVARGGLIVFHNGHKYDVPALTKLAKLQLNRE
FHLPRENCIDTLVLSRLIHSNLKDTDMGLLRSGKLPGALEAWGYRLGEMKGEYKDDFKRMLEEQGEEYVDGMEWWNFNEE
MMDYNVQDVVVTKALLEKLLSDKHYFPPEIDFTDVGYTTFWSESLEAVDIEHRAAWLLAKQERNGFPFDTKAIEELYVEL
AARRSELLRKLTETFGSWYQPKGGTEMFCHPRTGKPLPKYPRIKTPKVGGIFKKPKNKAQREGREPCELDTREYVAGAPY
TPVEHVVFNPSSRDHIQKKLQEAGWVPTKYTDKGAPVVDDEVLEGVRVDDPEKQAAIDLIKEYLMIQKRIGQSAEGDKAW
LRYVAEDGKIHGSVNPNGAVTGRATHAFPNLAQIPGVRSPYGEQCRAAFGAEHHLDGITGKPWVQAGIDASGLELRCLAH
FMARFDNGEYAHEILNGDIHTKNQIAAELPTRDNAKTFIYGFLYGAGDEKIGQIVGAGKERGKELKKKFLENTPAIAALR
ESIQQTLVESSQWVAGEQQVKWKRRWIKGLDGRKVHVRSPHAALNTLLQSAGALICKLWIIKTEEMLVEKGLKHGWDGDF
AYMAWVHDEIQVGCRTEEIAQVVIETAQEAMRWVGDHWNFRCLLDTEGKMGPNWAICH
;
A
4 'polypeptide(L)'
;SDKIIHLTDDSFDTDVLKADGAILVDFWAEWCGPCKMIAPILDEIADEYQGKLTVAKLNIDQNPGTAPKYGIRGIPTLLL
FKNGEVAATKVGALSKGQLKEFLDANLA
;
B
#
loop_
_chem_comp.id
_chem_comp.type
_chem_comp.name
_chem_comp.formula
1PE non-polymer 'PENTAETHYLENE GLYCOL' 'C10 H22 O6'
2DA DNA linking 2',3'-DIDEOXYADENOSINE-5'-MONOPHOSPHATE 'C10 H14 N5 O5 P'
8OG DNA linking 8-OXO-2'-DEOXY-GUANOSINE-5'-MONOPHOSPHATE 'C10 H14 N5 O8 P'
D3T DNA OH 3 prime terminus 2',3'-DIDEOXY-THYMIDINE-5'-TRIPHOSPHATE 'C10 H17 N2 O13 P3'
DA DNA linking 2'-DEOXYADENOSINE-5'-MONOPHOSPHATE 'C10 H14 N5 O6 P'
DC DNA linking 2'-DEOXYCYTIDINE-5'-MONOPHOSPHATE 'C9 H14 N3 O7 P'
DG DNA linking 2'-DEOXYGUANOSINE-5'-MONOPHOSPHATE 'C10 H14 N5 O7 P'
DT DNA linking THYMIDINE-5'-MONOPHOSPHATE 'C10 H15 N2 O8 P'
MES non-polymer '2-(N-MORPHOLINO)-ETHANESULFONIC ACID' 'C6 H13 N O4 S'
MG non-polymer 'MAGNESIUM ION' 'Mg 2'
SO4 non-polymer 'SULFATE ION' 'O4 S -2'
#
# COMPACT_ATOMS: atom_id res chain seq x y z
P 2DA A 22 6.62 5.71 -14.71
OP1 2DA A 22 6.51 7.10 -15.19
OP2 2DA A 22 6.29 4.58 -15.64
O5' 2DA A 22 8.08 5.44 -14.12
C5' 2DA A 22 8.64 6.34 -13.15
C4' 2DA A 22 9.92 5.79 -12.58
O4' 2DA A 22 9.65 4.65 -11.72
C3' 2DA A 22 10.96 5.28 -13.56
C2' 2DA A 22 11.81 4.38 -12.66
C1' 2DA A 22 10.76 3.78 -11.73
N9 2DA A 22 10.29 2.45 -12.15
C8 2DA A 22 9.26 2.16 -13.01
N7 2DA A 22 9.08 0.88 -13.19
C5 2DA A 22 10.04 0.28 -12.40
C6 2DA A 22 10.36 -1.06 -12.17
N6 2DA A 22 9.71 -2.09 -12.72
N1 2DA A 22 11.39 -1.32 -11.32
C2 2DA A 22 12.04 -0.29 -10.76
N3 2DA A 22 11.83 1.02 -10.91
C4 2DA A 22 10.80 1.24 -11.75
P 8OG B 5 15.00 -10.54 -8.26
OP1 8OG B 5 15.97 -11.44 -7.58
OP2 8OG B 5 13.55 -10.69 -7.97
O5' 8OG B 5 15.37 -9.03 -7.95
C5' 8OG B 5 16.57 -8.44 -8.42
C4' 8OG B 5 16.66 -7.01 -7.98
O4' 8OG B 5 15.99 -6.12 -8.92
C3' 8OG B 5 15.99 -6.78 -6.62
O3' 8OG B 5 16.83 -5.95 -5.81
C2' 8OG B 5 14.69 -6.07 -6.98
C1' 8OG B 5 15.10 -5.28 -8.22
N9 8OG B 5 14.03 -4.88 -9.12
C8 8OG B 5 13.85 -3.63 -9.69
N7 8OG B 5 12.77 -3.56 -10.41
C5 8OG B 5 12.20 -4.83 -10.33
C6 8OG B 5 11.00 -5.33 -10.91
O6 8OG B 5 10.19 -4.75 -11.61
N1 8OG B 5 10.80 -6.66 -10.58
C2 8OG B 5 11.63 -7.41 -9.80
N2 8OG B 5 11.27 -8.69 -9.60
N3 8OG B 5 12.74 -6.95 -9.24
C4 8OG B 5 12.97 -5.66 -9.55
O8 8OG B 5 14.64 -2.72 -9.51
N MET C 1 28.35 22.48 19.19
CA MET C 1 27.24 21.60 18.74
C MET C 1 26.19 21.42 19.84
N ILE C 2 24.93 21.52 19.47
CA ILE C 2 23.85 21.32 20.43
C ILE C 2 22.86 20.31 19.87
N VAL C 3 22.13 19.64 20.75
CA VAL C 3 21.15 18.66 20.34
C VAL C 3 19.83 19.19 20.89
N SER C 4 18.80 19.21 20.05
CA SER C 4 17.53 19.75 20.46
C SER C 4 16.33 19.01 19.91
N ASP C 5 15.16 19.39 20.43
CA ASP C 5 13.90 18.83 20.02
C ASP C 5 12.81 19.71 20.60
N ILE C 6 11.66 19.78 19.92
CA ILE C 6 10.59 20.60 20.44
C ILE C 6 9.30 19.81 20.52
N GLU C 7 8.33 20.37 21.23
CA GLU C 7 7.02 19.77 21.35
C GLU C 7 6.08 20.91 21.00
N ALA C 8 5.14 20.65 20.09
CA ALA C 8 4.21 21.66 19.65
C ALA C 8 2.81 21.06 19.64
N ASN C 9 1.80 21.86 19.35
CA ASN C 9 0.42 21.39 19.39
C ASN C 9 -0.11 20.60 18.20
N ALA C 10 0.63 20.47 17.11
CA ALA C 10 0.13 19.73 15.96
C ALA C 10 1.19 19.44 14.93
N LEU C 11 0.82 18.73 13.87
CA LEU C 11 1.75 18.43 12.79
C LEU C 11 2.02 19.77 12.07
N LEU C 12 3.08 19.82 11.29
CA LEU C 12 3.46 21.02 10.58
C LEU C 12 2.32 21.75 9.89
N GLU C 13 1.47 20.99 9.20
CA GLU C 13 0.34 21.55 8.46
C GLU C 13 -0.51 22.54 9.25
N SER C 14 -0.75 22.26 10.52
CA SER C 14 -1.57 23.15 11.32
C SER C 14 -1.04 23.50 12.70
N VAL C 15 0.27 23.40 12.89
CA VAL C 15 0.83 23.73 14.19
C VAL C 15 0.69 25.23 14.43
N THR C 16 0.25 25.62 15.63
CA THR C 16 0.06 27.04 15.96
C THR C 16 0.63 27.40 17.32
N LYS C 17 1.12 26.41 18.07
CA LYS C 17 1.68 26.69 19.38
C LYS C 17 2.87 25.83 19.77
N PHE C 18 3.93 26.50 20.23
CA PHE C 18 5.14 25.84 20.69
C PHE C 18 4.85 25.52 22.16
N HIS C 19 5.01 24.26 22.56
CA HIS C 19 4.77 23.91 23.95
C HIS C 19 6.07 23.99 24.73
N CYS C 20 7.10 23.31 24.24
CA CYS C 20 8.38 23.35 24.92
C CYS C 20 9.51 22.86 24.04
N GLY C 21 10.72 23.01 24.55
CA GLY C 21 11.90 22.58 23.84
C GLY C 21 13.02 22.32 24.83
N VAL C 22 13.94 21.46 24.46
CA VAL C 22 15.06 21.13 25.32
C VAL C 22 16.33 21.26 24.48
N ILE C 23 17.40 21.71 25.12
CA ILE C 23 18.67 21.85 24.44
C ILE C 23 19.83 21.28 25.25
N TYR C 24 20.63 20.46 24.60
CA TYR C 24 21.80 19.89 25.21
C TYR C 24 22.98 20.53 24.49
N ASP C 25 23.83 21.22 25.25
CA ASP C 25 24.98 21.88 24.66
C ASP C 25 26.25 21.11 25.01
N TYR C 26 26.96 20.61 24.00
CA TYR C 26 28.20 19.88 24.25
C TYR C 26 29.24 20.72 24.97
N SER C 27 29.29 22.02 24.68
CA SER C 27 30.27 22.90 25.32
C SER C 27 30.06 23.07 26.82
N THR C 28 28.83 22.85 27.30
CA THR C 28 28.53 22.97 28.73
C THR C 28 28.20 21.62 29.35
N ALA C 29 27.82 20.67 28.51
CA ALA C 29 27.45 19.33 28.97
C ALA C 29 26.17 19.38 29.81
N GLU C 30 25.34 20.39 29.59
CA GLU C 30 24.10 20.50 30.36
C GLU C 30 22.85 20.61 29.49
N TYR C 31 21.72 20.20 30.06
CA TYR C 31 20.45 20.27 29.38
C TYR C 31 19.71 21.49 29.90
N VAL C 32 19.00 22.17 29.01
CA VAL C 32 18.22 23.33 29.38
C VAL C 32 16.82 23.20 28.81
N SER C 33 15.82 23.39 29.66
CA SER C 33 14.44 23.28 29.24
C SER C 33 13.81 24.64 29.03
N TYR C 34 12.99 24.73 27.99
CA TYR C 34 12.29 25.95 27.67
C TYR C 34 10.80 25.63 27.70
N ARG C 35 10.05 26.40 28.47
CA ARG C 35 8.62 26.15 28.56
C ARG C 35 7.90 27.09 27.60
N PRO C 36 6.57 26.94 27.44
CA PRO C 36 5.87 27.83 26.50
C PRO C 36 6.21 29.31 26.49
N SER C 37 6.53 29.88 27.64
CA SER C 37 6.88 31.30 27.71
C SER C 37 8.38 31.56 27.46
N ASP C 38 9.14 30.50 27.23
CA ASP C 38 10.57 30.62 26.98
C ASP C 38 10.89 30.47 25.49
N PHE C 39 9.85 30.40 24.67
CA PHE C 39 10.00 30.26 23.22
C PHE C 39 11.01 31.25 22.64
N GLY C 40 10.86 32.53 22.99
CA GLY C 40 11.80 33.52 22.48
C GLY C 40 13.22 33.15 22.83
N ALA C 41 13.44 32.76 24.09
CA ALA C 41 14.76 32.37 24.57
C ALA C 41 15.25 31.13 23.85
N TYR C 42 14.34 30.18 23.61
CA TYR C 42 14.71 28.95 22.92
C TYR C 42 15.29 29.29 21.53
N LEU C 43 14.57 30.12 20.78
CA LEU C 43 15.01 30.52 19.45
C LEU C 43 16.33 31.29 19.54
N ASP C 44 16.48 32.12 20.57
CA ASP C 44 17.72 32.90 20.71
C ASP C 44 18.89 31.96 20.85
N ALA C 45 18.69 30.86 21.58
CA ALA C 45 19.76 29.89 21.80
C ALA C 45 20.14 29.19 20.49
N LEU C 46 19.16 28.87 19.65
CA LEU C 46 19.49 28.21 18.40
C LEU C 46 20.27 29.16 17.51
N GLU C 47 19.87 30.43 17.49
CA GLU C 47 20.56 31.40 16.66
C GLU C 47 21.96 31.68 17.17
N ALA C 48 22.16 31.57 18.47
CA ALA C 48 23.49 31.79 19.05
C ALA C 48 24.45 30.71 18.57
N GLU C 49 23.94 29.49 18.44
CA GLU C 49 24.75 28.36 17.97
C GLU C 49 25.09 28.61 16.50
N VAL C 50 24.15 29.17 15.76
CA VAL C 50 24.39 29.47 14.36
C VAL C 50 25.43 30.56 14.22
N ALA C 51 25.34 31.59 15.06
CA ALA C 51 26.28 32.71 15.00
C ALA C 51 27.71 32.27 15.32
N ARG C 52 27.87 31.23 16.12
CA ARG C 52 29.20 30.72 16.46
C ARG C 52 29.73 29.76 15.40
N GLY C 53 29.05 29.65 14.27
CA GLY C 53 29.48 28.74 13.23
C GLY C 53 29.31 27.31 13.71
N GLY C 54 28.39 27.10 14.66
CA GLY C 54 28.17 25.77 15.20
C GLY C 54 27.17 24.87 14.49
N LEU C 55 26.74 23.82 15.18
CA LEU C 55 25.82 22.85 14.63
C LEU C 55 24.63 22.53 15.55
N ILE C 56 23.47 22.29 14.94
CA ILE C 56 22.26 21.95 15.66
C ILE C 56 21.76 20.60 15.21
N VAL C 57 21.59 19.67 16.15
CA VAL C 57 21.12 18.34 15.82
C VAL C 57 19.67 18.07 16.24
N PHE C 58 18.86 17.62 15.31
CA PHE C 58 17.48 17.29 15.60
C PHE C 58 17.30 15.88 15.12
N HIS C 59 16.15 15.29 15.42
CA HIS C 59 15.82 13.98 14.91
C HIS C 59 14.56 14.29 14.12
N ASN C 60 14.71 14.33 12.79
CA ASN C 60 13.60 14.64 11.89
C ASN C 60 13.34 16.14 11.91
N GLY C 61 14.38 16.91 12.18
CA GLY C 61 14.25 18.35 12.23
C GLY C 61 14.11 18.92 10.84
N HIS C 62 14.70 18.26 9.86
CA HIS C 62 14.60 18.75 8.48
C HIS C 62 13.15 18.85 8.01
N LYS C 63 12.34 17.86 8.34
CA LYS C 63 10.95 17.87 7.92
C LYS C 63 10.01 18.50 8.93
N TYR C 64 10.33 18.40 10.21
CA TYR C 64 9.44 18.97 11.21
C TYR C 64 9.91 20.20 11.97
N ASP C 65 10.75 19.98 12.97
CA ASP C 65 11.27 21.04 13.84
C ASP C 65 11.69 22.35 13.18
N VAL C 66 12.63 22.29 12.25
CA VAL C 66 13.09 23.51 11.62
C VAL C 66 11.95 24.31 10.98
N PRO C 67 11.19 23.71 10.05
CA PRO C 67 10.08 24.45 9.42
C PRO C 67 9.06 24.88 10.49
N ALA C 68 8.79 24.00 11.44
CA ALA C 68 7.85 24.32 12.51
C ALA C 68 8.25 25.58 13.26
N LEU C 69 9.53 25.67 13.59
CA LEU C 69 10.03 26.82 14.33
C LEU C 69 9.89 28.08 13.49
N THR C 70 10.18 27.99 12.20
CA THR C 70 10.04 29.15 11.32
C THR C 70 8.60 29.64 11.34
N LYS C 71 7.67 28.70 11.25
CA LYS C 71 6.24 29.02 11.23
C LYS C 71 5.73 29.54 12.56
N LEU C 72 6.07 28.86 13.65
CA LEU C 72 5.62 29.29 14.97
C LEU C 72 6.22 30.64 15.38
N ALA C 73 7.47 30.89 15.01
CA ALA C 73 8.10 32.16 15.37
C ALA C 73 7.35 33.29 14.70
N LYS C 74 6.81 33.03 13.51
CA LYS C 74 6.08 34.05 12.80
C LYS C 74 4.72 34.29 13.45
N LEU C 75 3.99 33.20 13.70
CA LEU C 75 2.67 33.28 14.30
C LEU C 75 2.65 33.79 15.74
N GLN C 76 3.48 33.19 16.59
CA GLN C 76 3.48 33.56 17.99
C GLN C 76 4.25 34.81 18.36
N LEU C 77 5.44 34.99 17.78
CA LEU C 77 6.28 36.13 18.11
C LEU C 77 6.44 37.17 17.02
N ASN C 78 5.87 36.90 15.86
CA ASN C 78 5.99 37.80 14.73
C ASN C 78 7.48 38.04 14.49
N ARG C 79 8.23 36.94 14.51
CA ARG C 79 9.67 36.97 14.31
C ARG C 79 10.05 36.13 13.08
N GLU C 80 11.05 36.59 12.35
CA GLU C 80 11.55 35.85 11.19
C GLU C 80 12.62 34.92 11.77
N PHE C 81 12.49 33.63 11.50
CA PHE C 81 13.43 32.65 12.01
C PHE C 81 13.72 31.64 10.89
N HIS C 82 14.98 31.54 10.50
CA HIS C 82 15.34 30.62 9.42
C HIS C 82 16.71 30.00 9.66
N LEU C 83 16.75 28.83 10.29
CA LEU C 83 18.04 28.19 10.51
C LEU C 83 18.60 27.84 9.14
N PRO C 84 19.88 28.14 8.92
CA PRO C 84 20.52 27.85 7.64
C PRO C 84 20.68 26.33 7.52
N ARG C 85 20.56 25.81 6.31
CA ARG C 85 20.68 24.38 6.07
C ARG C 85 22.01 23.78 6.54
N GLU C 86 23.10 24.48 6.25
CA GLU C 86 24.45 24.03 6.59
C GLU C 86 24.73 23.90 8.08
N ASN C 87 23.86 24.45 8.93
CA ASN C 87 24.06 24.37 10.37
C ASN C 87 23.23 23.25 10.99
N CYS C 88 22.40 22.58 10.19
CA CYS C 88 21.54 21.53 10.73
C CYS C 88 21.93 20.10 10.39
N ILE C 89 21.80 19.25 11.40
CA ILE C 89 22.09 17.83 11.26
C ILE C 89 20.82 17.09 11.67
N ASP C 90 20.49 16.03 10.96
CA ASP C 90 19.29 15.25 11.26
C ASP C 90 19.70 13.81 11.51
N THR C 91 19.52 13.32 12.74
CA THR C 91 19.89 11.94 13.06
C THR C 91 19.06 10.90 12.32
N LEU C 92 17.87 11.28 11.88
CA LEU C 92 17.03 10.35 11.15
C LEU C 92 17.62 10.20 9.75
N VAL C 93 18.07 11.30 9.17
CA VAL C 93 18.70 11.27 7.85
C VAL C 93 19.97 10.44 7.94
N LEU C 94 20.77 10.67 8.99
CA LEU C 94 22.01 9.91 9.18
C LEU C 94 21.70 8.44 9.35
N SER C 95 20.70 8.17 10.18
CA SER C 95 20.31 6.80 10.48
C SER C 95 19.84 6.06 9.25
N ARG C 96 19.16 6.76 8.35
CA ARG C 96 18.67 6.13 7.14
C ARG C 96 19.78 5.91 6.13
N LEU C 97 20.87 6.63 6.31
CA LEU C 97 22.01 6.49 5.41
C LEU C 97 22.87 5.32 5.87
N ILE C 98 23.27 5.36 7.14
CA ILE C 98 24.14 4.35 7.72
C ILE C 98 23.46 2.98 7.90
N HIS C 99 22.16 2.97 8.16
CA HIS C 99 21.42 1.73 8.33
C HIS C 99 20.39 1.63 7.21
N SER C 100 20.86 1.85 5.98
CA SER C 100 20.00 1.82 4.81
C SER C 100 19.36 0.44 4.60
N ASN C 101 19.96 -0.59 5.19
CA ASN C 101 19.43 -1.94 5.04
C ASN C 101 18.20 -2.16 5.92
N LEU C 102 18.01 -1.31 6.92
CA LEU C 102 16.86 -1.45 7.81
C LEU C 102 15.67 -0.58 7.45
N LYS C 103 14.53 -0.90 8.09
CA LYS C 103 13.30 -0.14 7.89
C LYS C 103 13.11 0.70 9.14
N ASP C 104 12.11 1.58 9.13
CA ASP C 104 11.79 2.38 10.31
C ASP C 104 10.32 2.78 10.20
N THR C 105 9.71 3.11 11.33
CA THR C 105 8.29 3.47 11.37
C THR C 105 7.96 4.83 10.79
N ASP C 106 8.97 5.51 10.24
CA ASP C 106 8.79 6.83 9.66
C ASP C 106 8.18 7.76 10.69
N MET C 107 8.73 7.66 11.91
CA MET C 107 8.30 8.46 13.05
C MET C 107 6.90 8.14 13.56
N GLY C 108 6.55 6.87 13.59
CA GLY C 108 5.24 6.47 14.09
C GLY C 108 4.10 6.43 13.09
N LEU C 109 4.37 6.78 11.83
CA LEU C 109 3.30 6.74 10.83
C LEU C 109 3.04 5.30 10.41
N LEU C 110 4.05 4.45 10.56
CA LEU C 110 3.92 3.06 10.18
C LEU C 110 3.94 2.17 11.41
N ARG C 111 3.16 1.09 11.36
CA ARG C 111 3.09 0.16 12.48
C ARG C 111 4.37 -0.66 12.54
N SER C 112 4.99 -0.71 13.71
CA SER C 112 6.22 -1.46 13.91
C SER C 112 6.07 -2.91 13.44
N GLY C 113 5.04 -3.57 13.96
CA GLY C 113 4.81 -4.97 13.62
C GLY C 113 4.65 -5.35 12.16
N LYS C 114 4.33 -4.38 11.31
CA LYS C 114 4.13 -4.67 9.90
C LYS C 114 5.43 -4.63 9.09
N LEU C 115 6.49 -4.08 9.69
CA LEU C 115 7.77 -3.96 9.00
C LEU C 115 8.62 -5.23 9.08
N PRO C 116 9.35 -5.55 8.00
CA PRO C 116 10.21 -6.74 8.00
C PRO C 116 11.56 -6.43 8.63
N GLY C 117 12.23 -7.45 9.14
CA GLY C 117 13.54 -7.25 9.75
C GLY C 117 13.55 -6.57 11.10
N ALA C 118 14.73 -6.11 11.51
CA ALA C 118 14.89 -5.45 12.80
C ALA C 118 14.87 -3.93 12.68
N LEU C 119 14.77 -3.26 13.81
CA LEU C 119 14.75 -1.81 13.83
C LEU C 119 15.80 -1.33 14.82
N GLU C 120 16.48 -0.23 14.49
CA GLU C 120 17.51 0.33 15.37
C GLU C 120 16.79 0.77 16.65
N ALA C 121 17.33 0.43 17.81
CA ALA C 121 16.69 0.73 19.08
C ALA C 121 16.39 2.20 19.39
N TRP C 122 17.42 3.05 19.40
CA TRP C 122 17.23 4.48 19.70
C TRP C 122 16.20 5.14 18.80
N GLY C 123 16.31 4.90 17.51
CA GLY C 123 15.39 5.48 16.55
C GLY C 123 13.99 4.94 16.75
N TYR C 124 13.89 3.66 17.11
CA TYR C 124 12.60 3.06 17.35
C TYR C 124 11.97 3.82 18.51
N ARG C 125 12.77 4.08 19.54
CA ARG C 125 12.29 4.81 20.72
C ARG C 125 11.72 6.17 20.31
N LEU C 126 12.52 6.95 19.61
CA LEU C 126 12.09 8.27 19.17
C LEU C 126 10.79 8.22 18.36
N GLY C 127 10.65 7.20 17.53
CA GLY C 127 9.45 7.09 16.72
C GLY C 127 8.20 6.68 17.50
N GLU C 128 8.39 6.17 18.71
CA GLU C 128 7.25 5.74 19.52
C GLU C 128 6.87 6.72 20.62
N MET C 129 7.67 7.77 20.81
CA MET C 129 7.41 8.75 21.86
C MET C 129 6.00 9.34 21.83
N LYS C 130 5.50 9.66 20.64
CA LYS C 130 4.16 10.23 20.56
C LYS C 130 3.08 9.28 21.03
N GLY C 131 3.10 8.04 20.54
CA GLY C 131 2.09 7.08 20.95
C GLY C 131 2.26 6.67 22.40
N GLU C 132 3.51 6.69 22.85
CA GLU C 132 3.85 6.31 24.21
C GLU C 132 3.38 7.38 25.19
N TYR C 133 3.56 8.65 24.82
CA TYR C 133 3.15 9.78 25.65
C TYR C 133 1.64 9.82 25.75
N LYS C 134 0.99 9.46 24.65
CA LYS C 134 -0.46 9.44 24.58
C LYS C 134 -1.01 8.39 25.54
N ASP C 135 -0.35 7.25 25.63
CA ASP C 135 -0.81 6.20 26.53
C ASP C 135 -0.72 6.67 27.98
N ASP C 136 0.40 7.28 28.36
CA ASP C 136 0.57 7.78 29.72
C ASP C 136 -0.47 8.85 30.03
N PHE C 137 -0.72 9.72 29.06
CA PHE C 137 -1.69 10.79 29.24
C PHE C 137 -3.08 10.21 29.49
N LYS C 138 -3.48 9.27 28.63
CA LYS C 138 -4.79 8.62 28.77
C LYS C 138 -4.94 7.88 30.08
N ARG C 139 -3.90 7.15 30.45
CA ARG C 139 -3.90 6.39 31.70
C ARG C 139 -4.11 7.31 32.90
N MET C 140 -3.46 8.48 32.89
CA MET C 140 -3.61 9.42 33.99
C MET C 140 -5.01 10.03 34.05
N LEU C 141 -5.61 10.29 32.90
CA LEU C 141 -6.95 10.86 32.88
C LEU C 141 -7.97 9.90 33.46
N GLU C 142 -7.88 8.63 33.08
CA GLU C 142 -8.79 7.62 33.56
C GLU C 142 -8.52 7.32 35.04
N GLU C 143 -7.39 7.82 35.52
CA GLU C 143 -7.02 7.64 36.93
C GLU C 143 -7.75 8.71 37.73
N GLN C 144 -8.02 9.84 37.09
CA GLN C 144 -8.70 10.95 37.74
C GLN C 144 -10.16 11.06 37.33
N GLY C 145 -10.71 10.01 36.73
CA GLY C 145 -12.10 10.03 36.33
C GLY C 145 -12.39 10.70 34.99
N GLU C 146 -11.65 11.77 34.71
CA GLU C 146 -11.80 12.52 33.46
C GLU C 146 -11.76 11.63 32.22
N GLU C 147 -12.51 12.01 31.19
CA GLU C 147 -12.55 11.24 29.95
C GLU C 147 -11.48 11.72 28.97
N TYR C 148 -11.12 10.85 28.03
CA TYR C 148 -10.12 11.17 27.03
C TYR C 148 -10.84 11.60 25.75
N VAL C 149 -10.21 12.47 24.97
CA VAL C 149 -10.80 12.96 23.73
C VAL C 149 -9.82 12.98 22.56
N ASP C 150 -10.33 12.66 21.37
CA ASP C 150 -9.56 12.66 20.13
C ASP C 150 -8.06 12.63 20.34
N GLY C 151 -7.47 13.81 20.54
CA GLY C 151 -6.03 13.89 20.74
C GLY C 151 -5.66 15.05 21.66
N MET C 152 -6.47 15.24 22.69
CA MET C 152 -6.27 16.33 23.65
C MET C 152 -4.89 16.36 24.31
N GLU C 153 -4.15 15.26 24.24
CA GLU C 153 -2.83 15.21 24.86
C GLU C 153 -1.91 16.29 24.27
N TRP C 154 -2.27 16.82 23.12
CA TRP C 154 -1.45 17.84 22.47
C TRP C 154 -1.99 19.26 22.51
N TRP C 155 -3.17 19.46 23.10
CA TRP C 155 -3.74 20.80 23.13
C TRP C 155 -2.99 21.74 24.05
N ASN C 156 -2.57 21.24 25.20
CA ASN C 156 -1.87 22.07 26.15
C ASN C 156 -0.57 21.47 26.63
N PHE C 157 0.34 22.34 27.07
CA PHE C 157 1.63 21.93 27.58
C PHE C 157 1.44 21.43 29.02
N ASN C 158 2.22 20.43 29.40
CA ASN C 158 2.17 19.90 30.76
C ASN C 158 3.54 19.30 31.02
N GLU C 159 3.88 19.10 32.28
CA GLU C 159 5.18 18.56 32.64
C GLU C 159 5.50 17.17 32.08
N GLU C 160 4.48 16.35 31.89
CA GLU C 160 4.74 15.02 31.34
C GLU C 160 5.31 15.19 29.93
N MET C 161 4.76 16.17 29.22
CA MET C 161 5.20 16.49 27.86
C MET C 161 6.65 16.96 27.92
N MET C 162 6.94 17.81 28.90
CA MET C 162 8.27 18.35 29.10
C MET C 162 9.29 17.22 29.35
N ASP C 163 8.93 16.27 30.22
CA ASP C 163 9.82 15.16 30.52
C ASP C 163 10.17 14.36 29.27
N TYR C 164 9.16 14.09 28.45
CA TYR C 164 9.36 13.35 27.22
C TYR C 164 10.28 14.15 26.31
N ASN C 165 10.06 15.46 26.26
CA ASN C 165 10.88 16.34 25.45
C ASN C 165 12.34 16.15 25.87
N VAL C 166 12.58 16.02 27.18
CA VAL C 166 13.93 15.83 27.70
C VAL C 166 14.48 14.47 27.26
N GLN C 167 13.66 13.43 27.36
CA GLN C 167 14.07 12.10 26.96
C GLN C 167 14.43 12.03 25.49
N ASP C 168 13.63 12.67 24.64
CA ASP C 168 13.95 12.67 23.22
C ASP C 168 15.39 13.14 23.06
N VAL C 169 15.74 14.24 23.72
CA VAL C 169 17.08 14.76 23.59
C VAL C 169 18.17 13.82 24.10
N VAL C 170 17.99 13.18 25.26
CA VAL C 170 19.04 12.29 25.73
C VAL C 170 19.14 11.11 24.75
N VAL C 171 17.99 10.65 24.26
CA VAL C 171 17.98 9.55 23.31
C VAL C 171 18.57 9.98 21.96
N THR C 172 18.28 11.20 21.54
CA THR C 172 18.81 11.68 20.25
C THR C 172 20.31 11.84 20.37
N LYS C 173 20.75 12.28 21.55
CA LYS C 173 22.17 12.45 21.80
C LYS C 173 22.86 11.09 21.67
N ALA C 174 22.27 10.06 22.27
CA ALA C 174 22.86 8.73 22.21
C ALA C 174 22.89 8.19 20.78
N LEU C 175 21.79 8.38 20.07
CA LEU C 175 21.70 7.92 18.69
C LEU C 175 22.82 8.61 17.88
N LEU C 176 22.93 9.93 18.04
CA LEU C 176 23.96 10.71 17.34
C LEU C 176 25.36 10.14 17.56
N GLU C 177 25.73 9.92 18.81
CA GLU C 177 27.05 9.39 19.14
C GLU C 177 27.27 7.98 18.59
N LYS C 178 26.18 7.24 18.42
CA LYS C 178 26.27 5.89 17.88
C LYS C 178 26.58 5.96 16.39
N LEU C 179 25.96 6.92 15.70
CA LEU C 179 26.17 7.08 14.27
C LEU C 179 27.56 7.66 14.00
N LEU C 180 28.01 8.56 14.86
CA LEU C 180 29.31 9.17 14.69
C LEU C 180 30.43 8.15 14.92
N SER C 181 30.12 7.06 15.62
CA SER C 181 31.13 6.05 15.88
C SER C 181 31.38 5.15 14.67
N ASP C 182 30.60 5.32 13.61
CA ASP C 182 30.80 4.49 12.42
C ASP C 182 31.99 5.05 11.65
N LYS C 183 33.11 4.34 11.70
CA LYS C 183 34.33 4.77 11.05
C LYS C 183 34.27 4.94 9.54
N HIS C 184 33.34 4.25 8.89
CA HIS C 184 33.19 4.34 7.44
C HIS C 184 32.70 5.73 7.02
N TYR C 185 31.89 6.37 7.85
CA TYR C 185 31.34 7.67 7.51
C TYR C 185 32.00 8.84 8.21
N PHE C 186 32.59 8.57 9.38
CA PHE C 186 33.25 9.61 10.14
C PHE C 186 34.64 9.18 10.60
N PRO C 187 35.69 9.85 10.10
CA PRO C 187 37.08 9.55 10.46
C PRO C 187 37.23 9.55 11.98
N PRO C 188 37.89 8.52 12.53
CA PRO C 188 38.11 8.40 13.97
C PRO C 188 38.95 9.52 14.58
N GLU C 189 39.89 10.04 13.78
CA GLU C 189 40.80 11.09 14.25
C GLU C 189 40.12 12.41 14.61
N ILE C 190 38.82 12.51 14.33
CA ILE C 190 38.07 13.74 14.59
C ILE C 190 36.87 13.58 15.50
N ASP C 191 36.73 14.50 16.46
CA ASP C 191 35.60 14.48 17.37
C ASP C 191 34.54 15.37 16.70
N PHE C 192 33.61 14.74 15.98
CA PHE C 192 32.59 15.51 15.29
C PHE C 192 31.62 16.29 16.16
N THR C 193 31.65 16.08 17.46
CA THR C 193 30.76 16.81 18.36
C THR C 193 31.50 18.06 18.83
N ASP C 194 32.71 18.27 18.30
CA ASP C 194 33.49 19.42 18.71
C ASP C 194 34.17 20.14 17.55
N VAL C 195 33.40 20.39 16.49
CA VAL C 195 33.92 21.08 15.32
C VAL C 195 32.84 21.99 14.73
N GLY C 196 33.27 22.98 13.95
CA GLY C 196 32.30 23.88 13.31
C GLY C 196 31.59 23.15 12.18
N TYR C 197 30.58 23.79 11.60
CA TYR C 197 29.83 23.14 10.54
C TYR C 197 30.64 22.84 9.28
N THR C 198 31.47 23.78 8.85
CA THR C 198 32.26 23.53 7.65
C THR C 198 33.12 22.27 7.78
N THR C 199 33.71 22.08 8.95
CA THR C 199 34.54 20.91 9.18
C THR C 199 33.67 19.66 9.15
N PHE C 200 32.52 19.72 9.78
CA PHE C 200 31.62 18.57 9.82
C PHE C 200 31.29 18.04 8.43
N TRP C 201 30.98 18.92 7.49
CA TRP C 201 30.64 18.47 6.14
C TRP C 201 31.87 18.07 5.33
N SER C 202 32.95 18.84 5.44
CA SER C 202 34.15 18.54 4.67
C SER C 202 34.95 17.32 5.12
N GLU C 203 34.96 17.05 6.43
CA GLU C 203 35.70 15.91 6.96
C GLU C 203 34.94 14.58 6.94
N SER C 204 33.61 14.65 6.79
CA SER C 204 32.80 13.42 6.76
C SER C 204 32.66 12.92 5.33
N LEU C 205 32.29 11.66 5.17
CA LEU C 205 32.12 11.07 3.84
C LEU C 205 31.15 11.94 3.02
N GLU C 206 31.42 12.08 1.73
CA GLU C 206 30.58 12.90 0.85
C GLU C 206 29.10 12.59 1.01
N ALA C 207 28.76 11.31 1.20
CA ALA C 207 27.38 10.89 1.34
C ALA C 207 26.62 11.58 2.49
N VAL C 208 27.34 11.95 3.55
CA VAL C 208 26.68 12.62 4.65
C VAL C 208 26.14 13.96 4.21
N ASP C 209 26.91 14.68 3.40
CA ASP C 209 26.49 15.97 2.92
C ASP C 209 25.31 15.85 1.94
N ILE C 210 25.45 14.96 0.97
CA ILE C 210 24.41 14.74 -0.02
C ILE C 210 23.06 14.41 0.62
N GLU C 211 23.06 13.48 1.57
CA GLU C 211 21.82 13.08 2.25
C GLU C 211 21.13 14.24 2.96
N HIS C 212 21.89 15.10 3.63
CA HIS C 212 21.28 16.22 4.34
C HIS C 212 20.74 17.26 3.37
N ARG C 213 21.45 17.50 2.26
CA ARG C 213 20.98 18.47 1.27
C ARG C 213 19.73 17.93 0.58
N ALA C 214 19.69 16.63 0.31
CA ALA C 214 18.53 16.04 -0.35
C ALA C 214 17.30 16.16 0.57
N ALA C 215 17.46 15.75 1.83
CA ALA C 215 16.37 15.82 2.79
C ALA C 215 15.84 17.24 2.97
N TRP C 216 16.75 18.22 2.97
CA TRP C 216 16.33 19.60 3.14
C TRP C 216 15.54 20.06 1.92
N LEU C 217 16.05 19.75 0.73
CA LEU C 217 15.38 20.10 -0.52
C LEU C 217 14.03 19.42 -0.61
N LEU C 218 13.99 18.11 -0.31
CA LEU C 218 12.76 17.36 -0.38
C LEU C 218 11.74 17.77 0.70
N ALA C 219 12.22 18.21 1.86
CA ALA C 219 11.29 18.64 2.91
C ALA C 219 10.50 19.80 2.30
N LYS C 220 11.23 20.70 1.63
CA LYS C 220 10.65 21.86 0.96
C LYS C 220 9.64 21.46 -0.12
N GLN C 221 9.96 20.44 -0.90
CA GLN C 221 9.06 19.97 -1.95
C GLN C 221 7.77 19.48 -1.33
N GLU C 222 7.85 18.82 -0.18
CA GLU C 222 6.65 18.33 0.48
C GLU C 222 5.75 19.51 0.82
N ARG C 223 6.34 20.54 1.42
CA ARG C 223 5.62 21.75 1.79
C ARG C 223 5.01 22.42 0.57
N ASN C 224 5.70 22.38 -0.56
CA ASN C 224 5.20 22.98 -1.79
C ASN C 224 3.93 22.27 -2.18
N GLY C 225 3.99 20.94 -2.17
CA GLY C 225 2.85 20.14 -2.56
C GLY C 225 2.72 20.11 -4.07
N PHE C 226 1.89 19.21 -4.58
CA PHE C 226 1.67 19.09 -6.02
C PHE C 226 0.25 19.61 -6.34
N PRO C 227 0.14 20.70 -7.13
CA PRO C 227 -1.19 21.24 -7.47
C PRO C 227 -2.08 20.14 -8.04
N PHE C 228 -3.24 19.94 -7.41
CA PHE C 228 -4.15 18.88 -7.80
C PHE C 228 -5.54 19.36 -8.22
N ASP C 229 -6.05 18.78 -9.30
CA ASP C 229 -7.38 19.15 -9.82
C ASP C 229 -8.47 18.26 -9.20
N THR C 230 -8.88 18.62 -7.99
CA THR C 230 -9.90 17.86 -7.28
C THR C 230 -11.15 17.65 -8.10
N LYS C 231 -11.68 18.73 -8.65
CA LYS C 231 -12.89 18.68 -9.46
C LYS C 231 -12.81 17.58 -10.52
N ALA C 232 -11.74 17.60 -11.31
CA ALA C 232 -11.55 16.61 -12.37
C ALA C 232 -11.54 15.18 -11.86
N ILE C 233 -10.93 14.95 -10.70
CA ILE C 233 -10.87 13.61 -10.16
C ILE C 233 -12.20 13.14 -9.61
N GLU C 234 -12.95 14.04 -8.98
CA GLU C 234 -14.25 13.67 -8.45
C GLU C 234 -15.17 13.33 -9.63
N GLU C 235 -14.96 13.96 -10.78
CA GLU C 235 -15.78 13.68 -11.96
C GLU C 235 -15.37 12.33 -12.53
N LEU C 236 -14.08 11.99 -12.40
CA LEU C 236 -13.58 10.71 -12.90
C LEU C 236 -14.10 9.61 -11.97
N TYR C 237 -14.26 9.95 -10.70
CA TYR C 237 -14.74 8.99 -9.70
C TYR C 237 -16.18 8.62 -10.02
N VAL C 238 -16.98 9.62 -10.36
CA VAL C 238 -18.37 9.42 -10.71
C VAL C 238 -18.44 8.48 -11.91
N GLU C 239 -17.68 8.80 -12.96
CA GLU C 239 -17.66 7.98 -14.16
C GLU C 239 -17.23 6.54 -13.88
N LEU C 240 -16.19 6.38 -13.06
CA LEU C 240 -15.69 5.04 -12.73
C LEU C 240 -16.68 4.27 -11.84
N ALA C 241 -17.39 4.98 -10.98
CA ALA C 241 -18.36 4.34 -10.09
C ALA C 241 -19.52 3.81 -10.92
N ALA C 242 -19.93 4.60 -11.91
CA ALA C 242 -21.02 4.23 -12.79
C ALA C 242 -20.63 2.95 -13.53
N ARG C 243 -19.45 2.95 -14.13
CA ARG C 243 -18.98 1.79 -14.85
C ARG C 243 -18.89 0.58 -13.91
N ARG C 244 -18.44 0.81 -12.69
CA ARG C 244 -18.34 -0.30 -11.74
C ARG C 244 -19.73 -0.87 -11.49
N SER C 245 -20.69 -0.02 -11.16
CA SER C 245 -22.04 -0.46 -10.90
C SER C 245 -22.64 -1.26 -12.05
N GLU C 246 -22.39 -0.79 -13.26
CA GLU C 246 -22.91 -1.46 -14.44
C GLU C 246 -22.28 -2.83 -14.59
N LEU C 247 -20.97 -2.93 -14.43
CA LEU C 247 -20.30 -4.21 -14.54
C LEU C 247 -20.78 -5.18 -13.46
N LEU C 248 -20.98 -4.66 -12.25
CA LEU C 248 -21.44 -5.47 -11.14
C LEU C 248 -22.82 -6.05 -11.45
N ARG C 249 -23.68 -5.22 -12.03
CA ARG C 249 -25.03 -5.63 -12.38
C ARG C 249 -25.00 -6.77 -13.39
N LYS C 250 -24.19 -6.62 -14.45
CA LYS C 250 -24.09 -7.66 -15.46
C LYS C 250 -23.46 -8.93 -14.91
N LEU C 251 -22.39 -8.78 -14.13
CA LEU C 251 -21.71 -9.92 -13.56
C LEU C 251 -22.59 -10.69 -12.58
N THR C 252 -23.41 -9.97 -11.82
CA THR C 252 -24.29 -10.62 -10.86
C THR C 252 -25.43 -11.35 -11.56
N GLU C 253 -25.83 -10.83 -12.72
CA GLU C 253 -26.90 -11.47 -13.48
C GLU C 253 -26.35 -12.78 -14.01
N THR C 254 -25.09 -12.76 -14.45
CA THR C 254 -24.44 -13.94 -14.99
C THR C 254 -24.03 -14.96 -13.93
N PHE C 255 -23.45 -14.48 -12.84
CA PHE C 255 -23.03 -15.37 -11.76
C PHE C 255 -23.92 -15.09 -10.56
N GLY C 256 -24.82 -16.02 -10.26
CA GLY C 256 -25.73 -15.84 -9.15
C GLY C 256 -25.11 -16.03 -7.77
N SER C 257 -25.88 -15.65 -6.75
CA SER C 257 -25.44 -15.77 -5.37
C SER C 257 -25.56 -17.22 -4.90
N TRP C 258 -24.96 -17.55 -3.76
CA TRP C 258 -25.01 -18.90 -3.24
C TRP C 258 -24.84 -18.93 -1.74
N TYR C 259 -25.07 -20.09 -1.14
CA TYR C 259 -24.93 -20.24 0.30
C TYR C 259 -23.67 -20.98 0.69
N GLN C 260 -23.07 -20.53 1.78
CA GLN C 260 -21.85 -21.13 2.31
C GLN C 260 -22.01 -21.34 3.81
N PRO C 261 -21.34 -22.37 4.35
CA PRO C 261 -21.46 -22.61 5.78
C PRO C 261 -20.73 -21.47 6.48
N LYS C 262 -21.28 -21.03 7.61
CA LYS C 262 -20.68 -19.93 8.36
C LYS C 262 -21.24 -19.83 9.77
N GLY C 263 -20.36 -19.83 10.77
CA GLY C 263 -20.80 -19.71 12.14
C GLY C 263 -20.97 -21.04 12.85
N GLY C 264 -20.59 -22.12 12.19
CA GLY C 264 -20.69 -23.44 12.80
C GLY C 264 -19.62 -23.59 13.86
N THR C 265 -19.99 -24.13 15.01
CA THR C 265 -19.04 -24.32 16.11
C THR C 265 -18.67 -25.78 16.37
N GLU C 266 -19.68 -26.64 16.47
CA GLU C 266 -19.47 -28.06 16.76
C GLU C 266 -19.05 -28.87 15.53
N MET C 267 -18.46 -30.02 15.80
CA MET C 267 -18.00 -30.94 14.77
C MET C 267 -19.14 -31.88 14.36
N PHE C 268 -19.28 -32.15 13.07
CA PHE C 268 -20.32 -33.06 12.62
C PHE C 268 -19.81 -34.49 12.75
N CYS C 269 -20.61 -35.34 13.39
CA CYS C 269 -20.24 -36.73 13.60
C CYS C 269 -21.23 -37.71 12.99
N HIS C 270 -20.71 -38.80 12.43
CA HIS C 270 -21.55 -39.83 11.82
C HIS C 270 -22.57 -40.26 12.86
N PRO C 271 -23.87 -40.18 12.52
CA PRO C 271 -24.93 -40.58 13.45
C PRO C 271 -24.80 -42.03 13.93
N ARG C 272 -24.32 -42.91 13.08
CA ARG C 272 -24.16 -44.32 13.44
C ARG C 272 -22.80 -44.57 14.10
N THR C 273 -21.75 -44.43 13.29
CA THR C 273 -20.38 -44.64 13.75
C THR C 273 -19.99 -43.69 14.87
N GLY C 274 -20.39 -42.43 14.72
CA GLY C 274 -20.07 -41.43 15.72
C GLY C 274 -18.70 -40.84 15.49
N LYS C 275 -18.02 -41.25 14.43
CA LYS C 275 -16.69 -40.73 14.16
C LYS C 275 -16.76 -39.32 13.58
N PRO C 276 -15.86 -38.43 14.04
CA PRO C 276 -15.82 -37.05 13.58
C PRO C 276 -15.61 -36.94 12.07
N LEU C 277 -16.27 -35.96 11.45
CA LEU C 277 -16.17 -35.73 10.02
C LEU C 277 -15.75 -34.27 9.78
N PRO C 278 -14.49 -33.94 10.13
CA PRO C 278 -13.90 -32.60 9.98
C PRO C 278 -14.14 -31.94 8.63
N LYS C 279 -14.25 -32.75 7.58
CA LYS C 279 -14.47 -32.20 6.25
C LYS C 279 -15.89 -31.69 6.03
N TYR C 280 -16.82 -32.18 6.84
CA TYR C 280 -18.21 -31.72 6.74
C TYR C 280 -18.29 -30.36 7.43
N PRO C 281 -19.11 -29.45 6.91
CA PRO C 281 -19.24 -28.12 7.52
C PRO C 281 -19.60 -28.19 9.00
N ARG C 282 -19.08 -27.27 9.79
CA ARG C 282 -19.37 -27.24 11.21
C ARG C 282 -20.88 -27.04 11.41
N ILE C 283 -21.43 -27.61 12.48
CA ILE C 283 -22.86 -27.49 12.73
C ILE C 283 -23.18 -26.82 14.06
N LYS C 284 -24.48 -26.75 14.38
CA LYS C 284 -24.96 -26.15 15.62
C LYS C 284 -26.15 -26.95 16.12
N THR C 285 -26.02 -27.52 17.31
CA THR C 285 -27.10 -28.30 17.91
C THR C 285 -27.76 -27.47 19.00
N PRO C 286 -28.91 -26.85 18.68
CA PRO C 286 -29.64 -26.03 19.66
C PRO C 286 -29.83 -26.78 20.97
N LYS C 287 -29.81 -26.04 22.07
CA LYS C 287 -29.96 -26.64 23.39
C LYS C 287 -31.39 -26.58 23.90
N VAL C 288 -32.12 -25.53 23.54
CA VAL C 288 -33.50 -25.38 23.96
C VAL C 288 -34.42 -25.38 22.74
N GLY C 289 -35.70 -25.65 22.97
CA GLY C 289 -36.65 -25.66 21.88
C GLY C 289 -37.23 -27.03 21.56
N GLY C 290 -38.54 -27.05 21.33
CA GLY C 290 -39.23 -28.28 20.99
C GLY C 290 -40.45 -27.91 20.16
N ILE C 291 -41.28 -28.88 19.80
CA ILE C 291 -42.46 -28.59 19.01
C ILE C 291 -43.49 -27.79 19.82
N PHE C 292 -43.61 -28.12 21.11
CA PHE C 292 -44.56 -27.42 21.97
C PHE C 292 -43.82 -26.71 23.11
N LYS C 293 -44.56 -25.86 23.83
CA LYS C 293 -44.01 -25.16 24.97
C LYS C 293 -44.23 -26.03 26.20
N LYS C 294 -43.43 -25.82 27.23
CA LYS C 294 -43.59 -26.59 28.46
C LYS C 294 -44.98 -26.30 29.01
N PRO C 295 -45.68 -27.33 29.54
CA PRO C 295 -47.02 -27.14 30.09
C PRO C 295 -47.09 -26.07 31.18
N LYS C 296 -48.10 -25.21 31.09
CA LYS C 296 -48.27 -24.12 32.04
C LYS C 296 -49.41 -24.36 33.02
N ASN C 297 -50.37 -25.18 32.62
CA ASN C 297 -51.51 -25.49 33.46
C ASN C 297 -51.32 -26.86 34.10
N LYS C 298 -52.19 -27.21 35.04
CA LYS C 298 -52.11 -28.50 35.70
C LYS C 298 -52.60 -29.60 34.75
N ALA C 299 -53.84 -29.45 34.28
CA ALA C 299 -54.43 -30.41 33.36
C ALA C 299 -53.64 -30.45 32.06
N GLN C 300 -53.25 -29.27 31.59
CA GLN C 300 -52.47 -29.15 30.37
C GLN C 300 -51.17 -29.93 30.55
N ARG C 301 -50.74 -30.04 31.79
CA ARG C 301 -49.51 -30.74 32.15
C ARG C 301 -49.79 -32.24 32.29
N GLU C 302 -51.04 -32.62 32.09
CA GLU C 302 -51.44 -34.02 32.21
C GLU C 302 -51.99 -34.58 30.90
N GLY C 303 -52.12 -33.71 29.90
CA GLY C 303 -52.64 -34.13 28.62
C GLY C 303 -54.11 -33.83 28.47
N ARG C 304 -54.57 -32.80 29.16
CA ARG C 304 -55.98 -32.40 29.10
C ARG C 304 -56.17 -31.45 27.91
N GLU C 305 -55.36 -30.40 27.87
CA GLU C 305 -55.43 -29.43 26.79
C GLU C 305 -54.07 -29.43 26.09
N PRO C 306 -54.08 -29.45 24.75
CA PRO C 306 -52.80 -29.45 24.02
C PRO C 306 -51.94 -28.24 24.43
N CYS C 307 -50.63 -28.46 24.54
CA CYS C 307 -49.73 -27.39 24.91
C CYS C 307 -49.57 -26.37 23.80
N GLU C 308 -49.09 -25.19 24.17
CA GLU C 308 -48.88 -24.10 23.22
C GLU C 308 -47.73 -24.47 22.27
N LEU C 309 -47.91 -24.17 20.99
CA LEU C 309 -46.89 -24.45 20.00
C LEU C 309 -45.67 -23.55 20.26
N ASP C 310 -44.48 -24.09 20.02
CA ASP C 310 -43.26 -23.33 20.23
C ASP C 310 -42.89 -22.63 18.93
N THR C 311 -43.29 -21.36 18.80
CA THR C 311 -42.99 -20.58 17.62
C THR C 311 -41.50 -20.51 17.34
N ARG C 312 -40.70 -20.69 18.39
CA ARG C 312 -39.24 -20.66 18.31
C ARG C 312 -38.71 -20.78 16.88
N GLU C 313 -38.29 -22.00 16.51
CA GLU C 313 -37.76 -22.27 15.18
C GLU C 313 -36.81 -23.47 15.24
N TYR C 314 -36.25 -23.72 16.41
CA TYR C 314 -35.32 -24.83 16.58
C TYR C 314 -35.89 -25.89 17.52
N VAL C 315 -35.22 -27.04 17.54
CA VAL C 315 -35.62 -28.16 18.38
C VAL C 315 -34.36 -28.72 19.01
N ALA C 316 -34.33 -28.76 20.35
CA ALA C 316 -33.17 -29.26 21.08
C ALA C 316 -32.69 -30.61 20.56
N GLY C 317 -31.41 -30.69 20.22
CA GLY C 317 -30.84 -31.93 19.73
C GLY C 317 -30.83 -32.07 18.22
N ALA C 318 -31.69 -31.33 17.52
CA ALA C 318 -31.77 -31.37 16.06
C ALA C 318 -30.73 -30.45 15.43
N PRO C 319 -29.61 -31.01 14.96
CA PRO C 319 -28.51 -30.27 14.34
C PRO C 319 -28.80 -29.67 12.97
N TYR C 320 -28.13 -28.56 12.68
CA TYR C 320 -28.27 -27.90 11.40
C TYR C 320 -26.99 -27.16 11.05
N THR C 321 -26.81 -26.86 9.78
CA THR C 321 -25.61 -26.18 9.34
C THR C 321 -25.86 -24.68 9.16
N PRO C 322 -25.17 -23.86 9.96
CA PRO C 322 -25.34 -22.40 9.86
C PRO C 322 -24.79 -21.95 8.51
N VAL C 323 -25.50 -21.05 7.83
CA VAL C 323 -25.03 -20.59 6.53
C VAL C 323 -25.24 -19.10 6.33
N GLU C 324 -24.53 -18.56 5.34
CA GLU C 324 -24.66 -17.15 5.01
C GLU C 324 -24.89 -17.07 3.50
N HIS C 325 -25.61 -16.04 3.08
CA HIS C 325 -25.89 -15.85 1.66
C HIS C 325 -24.78 -14.98 1.08
N VAL C 326 -24.08 -15.46 0.07
CA VAL C 326 -23.01 -14.67 -0.52
C VAL C 326 -23.26 -14.27 -1.97
N VAL C 327 -23.09 -12.98 -2.23
CA VAL C 327 -23.26 -12.40 -3.56
C VAL C 327 -21.92 -12.29 -4.28
N PHE C 328 -21.89 -12.68 -5.56
CA PHE C 328 -20.66 -12.65 -6.34
C PHE C 328 -19.94 -11.31 -6.21
N ASN C 329 -18.66 -11.37 -5.87
CA ASN C 329 -17.85 -10.17 -5.72
C ASN C 329 -16.76 -10.25 -6.79
N PRO C 330 -16.89 -9.50 -7.88
CA PRO C 330 -15.89 -9.53 -8.95
C PRO C 330 -14.48 -9.24 -8.44
N SER C 331 -14.39 -8.63 -7.27
CA SER C 331 -13.09 -8.31 -6.68
C SER C 331 -12.49 -9.49 -5.90
N SER C 332 -13.25 -10.56 -5.78
CA SER C 332 -12.79 -11.74 -5.05
C SER C 332 -12.21 -12.81 -5.97
N ARG C 333 -10.88 -12.97 -5.92
CA ARG C 333 -10.21 -13.96 -6.73
C ARG C 333 -10.81 -15.33 -6.41
N ASP C 334 -11.25 -15.50 -5.16
CA ASP C 334 -11.84 -16.75 -4.72
C ASP C 334 -13.17 -16.96 -5.46
N HIS C 335 -14.00 -15.92 -5.48
CA HIS C 335 -15.29 -16.00 -6.17
C HIS C 335 -15.09 -16.24 -7.66
N ILE C 336 -14.16 -15.52 -8.27
CA ILE C 336 -13.91 -15.69 -9.69
C ILE C 336 -13.49 -17.11 -10.01
N GLN C 337 -12.59 -17.65 -9.20
CA GLN C 337 -12.09 -19.01 -9.39
C GLN C 337 -13.21 -20.04 -9.23
N LYS C 338 -14.07 -19.83 -8.24
CA LYS C 338 -15.18 -20.73 -7.98
C LYS C 338 -16.12 -20.79 -9.19
N LYS C 339 -16.57 -19.62 -9.65
CA LYS C 339 -17.48 -19.57 -10.79
C LYS C 339 -16.89 -20.10 -12.09
N LEU C 340 -15.64 -19.77 -12.37
CA LEU C 340 -15.03 -20.24 -13.61
C LEU C 340 -14.81 -21.75 -13.64
N GLN C 341 -14.46 -22.35 -12.51
CA GLN C 341 -14.27 -23.80 -12.52
C GLN C 341 -15.63 -24.47 -12.65
N GLU C 342 -16.67 -23.84 -12.12
CA GLU C 342 -18.02 -24.38 -12.22
C GLU C 342 -18.50 -24.25 -13.65
N ALA C 343 -17.71 -23.55 -14.47
CA ALA C 343 -18.05 -23.34 -15.87
C ALA C 343 -17.15 -24.17 -16.78
N GLY C 344 -16.36 -25.06 -16.17
CA GLY C 344 -15.49 -25.92 -16.97
C GLY C 344 -14.01 -25.60 -16.97
N TRP C 345 -13.64 -24.41 -16.52
CA TRP C 345 -12.24 -24.00 -16.50
C TRP C 345 -11.38 -24.88 -15.61
N VAL C 346 -10.27 -25.36 -16.17
CA VAL C 346 -9.33 -26.21 -15.43
C VAL C 346 -8.02 -25.46 -15.20
N PRO C 347 -7.81 -24.92 -13.98
CA PRO C 347 -6.60 -24.18 -13.64
C PRO C 347 -5.31 -24.95 -13.91
N THR C 348 -4.33 -24.25 -14.48
CA THR C 348 -3.03 -24.81 -14.80
C THR C 348 -2.01 -24.42 -13.73
N LYS C 349 -1.95 -23.14 -13.39
CA LYS C 349 -1.01 -22.67 -12.38
C LYS C 349 -1.64 -22.28 -11.06
N TYR C 350 -0.99 -22.67 -9.97
CA TYR C 350 -1.49 -22.38 -8.63
C TYR C 350 -0.44 -21.62 -7.83
N THR C 351 -0.86 -21.07 -6.69
CA THR C 351 0.05 -20.31 -5.83
C THR C 351 0.83 -21.29 -4.96
N ASP C 352 1.89 -20.80 -4.32
CA ASP C 352 2.70 -21.66 -3.47
C ASP C 352 1.89 -22.05 -2.23
N LYS C 353 0.65 -21.57 -2.16
CA LYS C 353 -0.22 -21.88 -1.04
C LYS C 353 -1.38 -22.79 -1.44
N GLY C 354 -1.53 -23.03 -2.75
CA GLY C 354 -2.60 -23.93 -3.18
C GLY C 354 -3.73 -23.30 -3.96
N ALA C 355 -3.89 -21.99 -3.83
CA ALA C 355 -4.96 -21.30 -4.54
C ALA C 355 -4.59 -21.11 -6.01
N PRO C 356 -5.58 -21.25 -6.90
CA PRO C 356 -5.27 -21.08 -8.32
C PRO C 356 -4.98 -19.61 -8.62
N VAL C 357 -3.98 -19.36 -9.47
CA VAL C 357 -3.63 -18.00 -9.83
C VAL C 357 -4.72 -17.34 -10.68
N VAL C 358 -5.15 -16.16 -10.27
CA VAL C 358 -6.18 -15.44 -10.99
C VAL C 358 -5.75 -14.00 -11.29
N ASP C 359 -4.79 -13.88 -12.19
CA ASP C 359 -4.29 -12.58 -12.60
C ASP C 359 -4.69 -12.33 -14.06
N ASP C 360 -4.34 -11.16 -14.58
CA ASP C 360 -4.70 -10.80 -15.95
C ASP C 360 -4.24 -11.81 -16.99
N GLU C 361 -3.10 -12.43 -16.77
CA GLU C 361 -2.56 -13.43 -17.70
C GLU C 361 -3.52 -14.60 -17.85
N VAL C 362 -3.82 -15.27 -16.75
CA VAL C 362 -4.71 -16.42 -16.80
C VAL C 362 -6.10 -16.05 -17.32
N LEU C 363 -6.70 -15.00 -16.75
CA LEU C 363 -8.03 -14.59 -17.18
C LEU C 363 -8.07 -14.49 -18.70
N GLU C 364 -7.02 -13.89 -19.26
CA GLU C 364 -6.92 -13.73 -20.70
C GLU C 364 -6.98 -15.08 -21.41
N GLY C 365 -6.34 -16.08 -20.80
CA GLY C 365 -6.32 -17.40 -21.41
C GLY C 365 -7.43 -18.37 -21.04
N VAL C 366 -8.33 -17.96 -20.15
CA VAL C 366 -9.41 -18.86 -19.76
C VAL C 366 -10.41 -19.07 -20.90
N ARG C 367 -10.87 -20.32 -21.04
CA ARG C 367 -11.84 -20.67 -22.07
C ARG C 367 -12.91 -21.59 -21.49
N VAL C 368 -14.16 -21.14 -21.52
CA VAL C 368 -15.29 -21.92 -21.03
C VAL C 368 -16.32 -21.99 -22.15
N ASP C 369 -17.07 -23.09 -22.20
CA ASP C 369 -18.06 -23.28 -23.26
C ASP C 369 -19.15 -22.22 -23.35
N ASP C 370 -19.85 -21.97 -22.25
CA ASP C 370 -20.91 -20.98 -22.26
C ASP C 370 -20.40 -19.62 -22.73
N PRO C 371 -20.91 -19.15 -23.88
CA PRO C 371 -20.49 -17.87 -24.44
C PRO C 371 -20.74 -16.63 -23.57
N GLU C 372 -21.77 -16.65 -22.73
CA GLU C 372 -22.06 -15.51 -21.88
C GLU C 372 -21.01 -15.37 -20.77
N LYS C 373 -20.61 -16.49 -20.20
CA LYS C 373 -19.61 -16.50 -19.14
C LYS C 373 -18.23 -16.20 -19.74
N GLN C 374 -18.00 -16.68 -20.96
CA GLN C 374 -16.73 -16.44 -21.64
C GLN C 374 -16.55 -14.93 -21.78
N ALA C 375 -17.64 -14.24 -22.11
CA ALA C 375 -17.63 -12.80 -22.28
C ALA C 375 -17.51 -12.08 -20.92
N ALA C 376 -18.05 -12.71 -19.88
CA ALA C 376 -18.01 -12.14 -18.55
C ALA C 376 -16.57 -11.99 -18.06
N ILE C 377 -15.69 -12.82 -18.61
CA ILE C 377 -14.30 -12.75 -18.22
C ILE C 377 -13.71 -11.39 -18.54
N ASP C 378 -14.17 -10.77 -19.63
CA ASP C 378 -13.67 -9.44 -19.97
C ASP C 378 -14.18 -8.41 -18.98
N LEU C 379 -15.46 -8.53 -18.62
CA LEU C 379 -16.05 -7.60 -17.67
C LEU C 379 -15.33 -7.66 -16.32
N ILE C 380 -14.84 -8.84 -15.98
CA ILE C 380 -14.13 -9.05 -14.72
C ILE C 380 -12.77 -8.36 -14.77
N LYS C 381 -12.09 -8.47 -15.91
CA LYS C 381 -10.79 -7.84 -16.08
C LYS C 381 -10.97 -6.32 -16.00
N GLU C 382 -11.96 -5.80 -16.72
CA GLU C 382 -12.22 -4.37 -16.71
C GLU C 382 -12.54 -3.93 -15.28
N TYR C 383 -13.35 -4.74 -14.59
CA TYR C 383 -13.75 -4.43 -13.22
C TYR C 383 -12.57 -4.34 -12.27
N LEU C 384 -11.66 -5.32 -12.35
CA LEU C 384 -10.49 -5.32 -11.49
C LEU C 384 -9.70 -4.04 -11.74
N MET C 385 -9.64 -3.63 -12.99
CA MET C 385 -8.92 -2.41 -13.34
C MET C 385 -9.65 -1.17 -12.84
N ILE C 386 -10.97 -1.13 -13.03
CA ILE C 386 -11.75 0.01 -12.56
C ILE C 386 -11.51 0.19 -11.05
N GLN C 387 -11.48 -0.91 -10.31
CA GLN C 387 -11.24 -0.84 -8.85
C GLN C 387 -9.87 -0.26 -8.53
N LYS C 388 -8.88 -0.71 -9.27
CA LYS C 388 -7.50 -0.24 -9.12
C LYS C 388 -7.51 1.28 -9.17
N ARG C 389 -8.21 1.82 -10.16
CA ARG C 389 -8.30 3.27 -10.35
C ARG C 389 -9.12 3.99 -9.27
N ILE C 390 -10.24 3.38 -8.89
CA ILE C 390 -11.09 3.97 -7.87
C ILE C 390 -10.38 3.96 -6.51
N GLY C 391 -9.73 2.85 -6.20
CA GLY C 391 -9.02 2.73 -4.93
C GLY C 391 -7.91 3.78 -4.78
N GLN C 392 -7.12 3.97 -5.82
CA GLN C 392 -6.03 4.93 -5.79
C GLN C 392 -6.50 6.40 -5.88
N SER C 393 -7.59 6.64 -6.60
CA SER C 393 -8.07 8.01 -6.77
C SER C 393 -9.08 8.48 -5.74
N ALA C 394 -9.97 7.58 -5.31
CA ALA C 394 -11.01 8.02 -4.40
C ALA C 394 -11.30 7.23 -3.13
N GLU C 395 -11.36 5.90 -3.22
CA GLU C 395 -11.73 5.10 -2.05
C GLU C 395 -10.68 4.50 -1.13
N GLY C 396 -9.47 4.28 -1.64
CA GLY C 396 -8.43 3.69 -0.80
C GLY C 396 -8.11 4.56 0.41
N ASP C 397 -7.38 4.02 1.39
CA ASP C 397 -7.04 4.79 2.57
C ASP C 397 -6.10 5.93 2.21
N LYS C 398 -5.30 5.73 1.17
CA LYS C 398 -4.36 6.75 0.73
C LYS C 398 -4.84 7.38 -0.57
N ALA C 399 -6.14 7.34 -0.80
CA ALA C 399 -6.72 7.92 -2.01
C ALA C 399 -6.35 9.40 -2.17
N TRP C 400 -6.09 9.81 -3.41
CA TRP C 400 -5.74 11.21 -3.69
C TRP C 400 -6.77 12.17 -3.09
N LEU C 401 -8.05 11.87 -3.28
CA LEU C 401 -9.11 12.74 -2.75
C LEU C 401 -9.14 12.85 -1.23
N ARG C 402 -8.52 11.90 -0.54
CA ARG C 402 -8.48 11.96 0.92
C ARG C 402 -7.25 12.73 1.37
N TYR C 403 -6.37 13.04 0.43
CA TYR C 403 -5.14 13.74 0.74
C TYR C 403 -5.00 15.18 0.25
N VAL C 404 -5.91 15.64 -0.61
CA VAL C 404 -5.82 17.02 -1.07
C VAL C 404 -5.93 17.89 0.16
N ALA C 405 -5.08 18.91 0.27
CA ALA C 405 -5.11 19.81 1.42
C ALA C 405 -5.90 21.06 1.06
N GLU C 406 -6.09 21.94 2.03
CA GLU C 406 -6.82 23.19 1.80
C GLU C 406 -6.20 24.05 0.71
N ASP C 407 -4.87 24.02 0.59
CA ASP C 407 -4.21 24.81 -0.43
C ASP C 407 -4.34 24.21 -1.82
N GLY C 408 -5.22 23.22 -1.97
CA GLY C 408 -5.42 22.61 -3.28
C GLY C 408 -4.28 21.75 -3.79
N LYS C 409 -3.38 21.34 -2.90
CA LYS C 409 -2.25 20.51 -3.29
C LYS C 409 -2.19 19.23 -2.49
N ILE C 410 -1.54 18.22 -3.07
CA ILE C 410 -1.34 16.96 -2.38
C ILE C 410 0.12 17.04 -1.94
N HIS C 411 0.34 16.90 -0.63
CA HIS C 411 1.68 16.97 -0.07
C HIS C 411 2.24 15.59 0.20
N GLY C 412 2.53 14.86 -0.87
CA GLY C 412 3.07 13.52 -0.75
C GLY C 412 4.33 13.47 0.09
N SER C 413 4.46 12.42 0.87
CA SER C 413 5.62 12.24 1.72
C SER C 413 6.75 11.53 0.99
N VAL C 414 7.99 11.81 1.40
CA VAL C 414 9.14 11.19 0.77
C VAL C 414 10.24 10.83 1.76
N ASN C 415 10.70 9.59 1.69
CA ASN C 415 11.79 9.13 2.55
C ASN C 415 12.95 9.20 1.55
N PRO C 416 13.72 10.30 1.57
CA PRO C 416 14.85 10.48 0.64
C PRO C 416 15.78 9.31 0.44
N ASN C 417 15.95 8.46 1.45
CA ASN C 417 16.84 7.32 1.35
C ASN C 417 16.16 6.04 1.85
N GLY C 418 14.91 5.85 1.45
CA GLY C 418 14.13 4.70 1.88
C GLY C 418 14.47 3.34 1.32
N ALA C 419 15.03 3.28 0.11
CA ALA C 419 15.39 1.99 -0.48
C ALA C 419 16.86 1.68 -0.23
N VAL C 420 17.18 0.39 -0.03
CA VAL C 420 18.57 -0.01 0.21
C VAL C 420 19.55 0.62 -0.77
N THR C 421 19.20 0.64 -2.04
CA THR C 421 20.06 1.17 -3.08
C THR C 421 20.39 2.65 -2.96
N GLY C 422 19.61 3.38 -2.19
CA GLY C 422 19.87 4.80 -2.07
C GLY C 422 18.80 5.59 -2.80
N ARG C 423 17.79 4.89 -3.32
CA ARG C 423 16.68 5.54 -3.99
C ARG C 423 15.78 6.02 -2.85
N ALA C 424 14.81 6.87 -3.17
CA ALA C 424 13.85 7.35 -2.19
C ALA C 424 12.59 6.51 -2.32
N THR C 425 11.74 6.56 -1.29
CA THR C 425 10.47 5.84 -1.33
C THR C 425 9.44 6.95 -1.22
N HIS C 426 8.26 6.73 -1.77
CA HIS C 426 7.23 7.75 -1.75
C HIS C 426 5.95 7.20 -1.17
N ALA C 427 5.25 7.99 -0.37
CA ALA C 427 4.03 7.51 0.23
C ALA C 427 3.12 8.60 0.81
N PHE C 428 1.89 8.21 1.11
CA PHE C 428 0.90 9.10 1.70
C PHE C 428 0.53 10.34 0.90
N PRO C 429 0.14 10.18 -0.37
CA PRO C 429 0.01 8.92 -1.13
C PRO C 429 1.32 8.75 -1.90
N ASN C 430 1.48 7.62 -2.58
CA ASN C 430 2.70 7.38 -3.34
C ASN C 430 2.62 8.09 -4.69
N LEU C 431 3.24 9.26 -4.79
CA LEU C 431 3.21 10.01 -6.04
C LEU C 431 4.13 9.43 -7.11
N ALA C 432 4.81 8.34 -6.78
CA ALA C 432 5.70 7.67 -7.72
C ALA C 432 5.04 6.46 -8.40
N GLN C 433 3.73 6.30 -8.23
CA GLN C 433 3.01 5.19 -8.86
C GLN C 433 1.71 5.67 -9.50
N ILE C 434 1.68 6.91 -9.97
CA ILE C 434 0.49 7.46 -10.62
C ILE C 434 0.38 6.72 -11.96
N PRO C 435 -0.83 6.28 -12.34
CA PRO C 435 -0.98 5.58 -13.62
C PRO C 435 -0.37 6.38 -14.77
N GLY C 436 0.35 5.70 -15.66
CA GLY C 436 0.97 6.38 -16.79
C GLY C 436 -0.08 6.80 -17.79
N VAL C 437 0.21 7.83 -18.60
CA VAL C 437 -0.75 8.31 -19.60
C VAL C 437 -1.22 7.26 -20.59
N ARG C 438 -0.39 6.27 -20.87
CA ARG C 438 -0.75 5.24 -21.84
C ARG C 438 -1.46 4.05 -21.24
N SER C 439 -1.92 4.18 -20.01
CA SER C 439 -2.67 3.09 -19.38
C SER C 439 -4.09 3.60 -19.30
N PRO C 440 -5.08 2.72 -19.10
CA PRO C 440 -6.46 3.19 -19.02
C PRO C 440 -6.68 4.28 -17.96
N TYR C 441 -7.37 5.36 -18.35
CA TYR C 441 -7.67 6.48 -17.46
C TYR C 441 -6.44 7.25 -17.04
N GLY C 442 -5.30 6.86 -17.60
CA GLY C 442 -4.03 7.49 -17.29
C GLY C 442 -3.94 8.98 -17.60
N GLU C 443 -4.41 9.40 -18.77
CA GLU C 443 -4.34 10.81 -19.10
C GLU C 443 -5.13 11.65 -18.11
N GLN C 444 -6.32 11.17 -17.73
CA GLN C 444 -7.13 11.90 -16.76
C GLN C 444 -6.42 11.95 -15.39
N CYS C 445 -5.85 10.83 -14.95
CA CYS C 445 -5.17 10.81 -13.66
C CYS C 445 -3.97 11.75 -13.69
N ARG C 446 -3.13 11.53 -14.67
CA ARG C 446 -1.91 12.27 -14.87
C ARG C 446 -2.13 13.79 -15.04
N ALA C 447 -3.23 14.17 -15.68
CA ALA C 447 -3.53 15.59 -15.90
C ALA C 447 -4.04 16.31 -14.66
N ALA C 448 -4.49 15.56 -13.68
CA ALA C 448 -4.99 16.17 -12.46
C ALA C 448 -3.85 16.75 -11.63
N PHE C 449 -2.63 16.32 -11.90
CA PHE C 449 -1.45 16.83 -11.19
C PHE C 449 -0.74 17.80 -12.13
N GLY C 450 -0.77 19.08 -11.81
CA GLY C 450 -0.11 20.02 -12.70
C GLY C 450 -0.07 21.43 -12.20
N ALA C 451 0.96 22.15 -12.63
CA ALA C 451 1.15 23.54 -12.24
C ALA C 451 0.01 24.41 -12.72
N GLU C 452 -0.63 24.02 -13.82
CA GLU C 452 -1.73 24.82 -14.34
C GLU C 452 -2.79 24.98 -13.26
N HIS C 453 -2.90 23.95 -12.41
CA HIS C 453 -3.88 23.96 -11.33
C HIS C 453 -3.49 24.86 -10.17
N HIS C 454 -2.41 25.59 -10.33
CA HIS C 454 -2.00 26.53 -9.29
C HIS C 454 -2.08 27.93 -9.88
N LEU C 455 -2.82 28.80 -9.23
CA LEU C 455 -2.95 30.15 -9.70
C LEU C 455 -2.00 30.99 -8.88
N ASP C 456 -1.18 31.79 -9.56
CA ASP C 456 -0.20 32.65 -8.90
C ASP C 456 -0.88 33.48 -7.83
N GLY C 457 -0.21 33.62 -6.69
CA GLY C 457 -0.78 34.39 -5.59
C GLY C 457 -1.05 35.85 -5.88
N ILE C 458 -0.28 36.44 -6.80
CA ILE C 458 -0.43 37.87 -7.13
C ILE C 458 -1.33 38.11 -8.35
N THR C 459 -0.94 37.55 -9.49
CA THR C 459 -1.66 37.75 -10.73
C THR C 459 -2.84 36.82 -10.95
N GLY C 460 -2.87 35.70 -10.24
CA GLY C 460 -3.97 34.76 -10.41
C GLY C 460 -3.85 33.96 -11.70
N LYS C 461 -2.71 34.03 -12.36
CA LYS C 461 -2.51 33.29 -13.61
C LYS C 461 -1.94 31.91 -13.30
N PRO C 462 -2.41 30.88 -14.00
CA PRO C 462 -1.89 29.53 -13.75
C PRO C 462 -0.40 29.40 -13.96
N TRP C 463 0.24 28.57 -13.16
CA TRP C 463 1.68 28.36 -13.30
C TRP C 463 1.90 27.36 -14.43
N VAL C 464 3.15 27.21 -14.84
CA VAL C 464 3.53 26.30 -15.91
C VAL C 464 4.41 25.20 -15.35
N GLN C 465 4.46 24.07 -16.06
CA GLN C 465 5.22 22.94 -15.60
C GLN C 465 6.42 22.57 -16.46
N ALA C 466 7.50 22.21 -15.78
CA ALA C 466 8.72 21.80 -16.45
C ALA C 466 9.06 20.40 -15.96
N GLY C 467 8.97 19.42 -16.84
CA GLY C 467 9.28 18.05 -16.48
C GLY C 467 10.58 17.60 -17.14
N ILE C 468 11.54 17.15 -16.32
CA ILE C 468 12.83 16.68 -16.81
C ILE C 468 13.13 15.26 -16.30
N ASP C 469 13.53 14.40 -17.21
CA ASP C 469 13.80 13.01 -16.87
C ASP C 469 15.16 12.63 -17.43
N ALA C 470 15.95 11.91 -16.65
CA ALA C 470 17.28 11.49 -17.10
C ALA C 470 17.14 10.44 -18.21
N SER C 471 17.94 10.58 -19.26
CA SER C 471 17.89 9.67 -20.40
C SER C 471 18.64 8.35 -20.24
N GLY C 472 17.90 7.25 -20.35
CA GLY C 472 18.47 5.91 -20.22
C GLY C 472 19.49 5.81 -19.09
N LEU C 473 19.14 6.42 -17.97
CA LEU C 473 20.01 6.49 -16.80
C LEU C 473 20.74 5.21 -16.40
N GLU C 474 20.00 4.15 -16.06
CA GLU C 474 20.66 2.94 -15.62
C GLU C 474 21.43 2.18 -16.70
N LEU C 475 21.07 2.40 -17.95
CA LEU C 475 21.81 1.76 -19.04
C LEU C 475 23.14 2.53 -19.23
N ARG C 476 23.13 3.83 -18.96
CA ARG C 476 24.36 4.63 -19.07
C ARG C 476 25.26 4.26 -17.92
N CYS C 477 24.64 3.95 -16.78
CA CYS C 477 25.39 3.52 -15.59
C CYS C 477 26.09 2.22 -15.96
N LEU C 478 25.37 1.37 -16.69
CA LEU C 478 25.91 0.09 -17.13
C LEU C 478 27.12 0.37 -18.03
N ALA C 479 26.96 1.29 -18.97
CA ALA C 479 28.04 1.63 -19.89
C ALA C 479 29.26 2.09 -19.10
N HIS C 480 29.02 2.92 -18.08
CA HIS C 480 30.11 3.43 -17.25
C HIS C 480 30.90 2.29 -16.62
N PHE C 481 30.19 1.40 -15.92
CA PHE C 481 30.84 0.29 -15.25
C PHE C 481 31.49 -0.78 -16.13
N MET C 482 31.03 -0.96 -17.37
CA MET C 482 31.69 -1.96 -18.19
C MET C 482 32.73 -1.38 -19.12
N ALA C 483 32.94 -0.06 -19.02
CA ALA C 483 33.93 0.61 -19.85
C ALA C 483 35.34 0.07 -19.58
N ARG C 484 35.56 -0.47 -18.38
CA ARG C 484 36.87 -1.01 -18.07
C ARG C 484 37.05 -2.34 -18.81
N PHE C 485 35.94 -2.92 -19.26
CA PHE C 485 35.95 -4.18 -19.99
C PHE C 485 35.85 -3.99 -21.51
N ASP C 486 35.14 -2.96 -21.95
CA ASP C 486 34.96 -2.74 -23.39
C ASP C 486 35.49 -1.39 -23.89
N ASN C 487 36.22 -0.68 -23.03
CA ASN C 487 36.79 0.61 -23.38
C ASN C 487 35.77 1.67 -23.84
N GLY C 488 34.65 1.74 -23.16
CA GLY C 488 33.64 2.73 -23.49
C GLY C 488 32.90 2.48 -24.78
N GLU C 489 33.02 1.28 -25.30
CA GLU C 489 32.34 0.90 -26.53
C GLU C 489 30.84 1.10 -26.40
N TYR C 490 30.25 0.54 -25.35
CA TYR C 490 28.82 0.68 -25.13
C TYR C 490 28.45 2.13 -24.81
N ALA C 491 29.32 2.80 -24.07
CA ALA C 491 29.12 4.20 -23.69
C ALA C 491 29.00 5.08 -24.93
N HIS C 492 29.61 4.66 -26.03
CA HIS C 492 29.56 5.42 -27.27
C HIS C 492 28.35 5.00 -28.10
N GLU C 493 28.11 3.70 -28.17
CA GLU C 493 26.98 3.16 -28.92
C GLU C 493 25.64 3.67 -28.40
N ILE C 494 25.53 3.74 -27.08
CA ILE C 494 24.30 4.16 -26.41
C ILE C 494 23.78 5.53 -26.82
N LEU C 495 24.65 6.44 -27.23
CA LEU C 495 24.14 7.75 -27.60
C LEU C 495 23.96 7.96 -29.10
N ASN C 496 23.93 6.86 -29.84
CA ASN C 496 23.73 6.88 -31.28
C ASN C 496 22.23 6.65 -31.50
N GLY C 497 21.44 7.69 -31.26
CA GLY C 497 19.99 7.55 -31.40
C GLY C 497 19.48 7.00 -30.08
N ASP C 498 18.17 7.00 -29.86
CA ASP C 498 17.64 6.49 -28.61
C ASP C 498 17.96 5.02 -28.40
N ILE C 499 18.55 4.71 -27.26
CA ILE C 499 18.93 3.33 -26.93
C ILE C 499 17.73 2.38 -26.82
N HIS C 500 16.66 2.82 -26.19
CA HIS C 500 15.48 1.98 -26.03
C HIS C 500 14.77 1.71 -27.35
N THR C 501 14.68 2.72 -28.20
CA THR C 501 14.04 2.53 -29.50
C THR C 501 14.94 1.63 -30.35
N LYS C 502 16.25 1.78 -30.18
CA LYS C 502 17.19 0.96 -30.93
C LYS C 502 17.00 -0.50 -30.51
N ASN C 503 16.75 -0.74 -29.23
CA ASN C 503 16.54 -2.10 -28.73
C ASN C 503 15.15 -2.59 -29.11
N GLN C 504 14.17 -1.71 -29.00
CA GLN C 504 12.79 -2.04 -29.32
C GLN C 504 12.73 -2.71 -30.68
N ILE C 505 13.32 -2.05 -31.67
CA ILE C 505 13.35 -2.56 -33.04
C ILE C 505 14.11 -3.87 -33.11
N ALA C 506 15.34 -3.87 -32.62
CA ALA C 506 16.18 -5.06 -32.66
C ALA C 506 15.53 -6.25 -31.98
N ALA C 507 14.67 -6.00 -30.99
CA ALA C 507 14.01 -7.06 -30.26
C ALA C 507 12.64 -7.36 -30.87
N GLU C 508 12.23 -6.50 -31.80
CA GLU C 508 10.95 -6.66 -32.47
C GLU C 508 9.81 -6.56 -31.45
N LEU C 509 9.81 -5.49 -30.68
CA LEU C 509 8.80 -5.27 -29.66
C LEU C 509 7.85 -4.15 -30.10
N PRO C 510 6.59 -4.21 -29.67
CA PRO C 510 5.56 -3.22 -30.00
C PRO C 510 5.78 -1.80 -29.54
N THR C 511 6.05 -1.60 -28.25
CA THR C 511 6.26 -0.25 -27.73
C THR C 511 7.66 -0.03 -27.19
N ARG C 512 8.01 1.26 -27.00
CA ARG C 512 9.31 1.63 -26.47
C ARG C 512 9.31 1.24 -25.00
N ASP C 513 8.15 1.40 -24.35
CA ASP C 513 8.03 1.05 -22.94
C ASP C 513 8.32 -0.44 -22.75
N ASN C 514 7.83 -1.25 -23.68
CA ASN C 514 8.05 -2.68 -23.60
C ASN C 514 9.55 -2.98 -23.70
N ALA C 515 10.25 -2.19 -24.53
CA ALA C 515 11.68 -2.39 -24.70
C ALA C 515 12.40 -2.09 -23.39
N LYS C 516 11.89 -1.13 -22.64
CA LYS C 516 12.48 -0.76 -21.36
C LYS C 516 12.30 -1.83 -20.29
N THR C 517 11.07 -2.33 -20.13
CA THR C 517 10.84 -3.35 -19.11
C THR C 517 11.58 -4.63 -19.47
N PHE C 518 11.82 -4.83 -20.77
CA PHE C 518 12.54 -5.99 -21.26
C PHE C 518 14.03 -5.89 -20.95
N ILE C 519 14.65 -4.81 -21.39
CA ILE C 519 16.09 -4.66 -21.21
C ILE C 519 16.50 -4.67 -19.74
N TYR C 520 15.73 -4.00 -18.89
CA TYR C 520 16.04 -3.97 -17.47
C TYR C 520 15.72 -5.29 -16.78
N GLY C 521 14.66 -5.96 -17.21
CA GLY C 521 14.33 -7.24 -16.61
C GLY C 521 15.43 -8.21 -17.00
N PHE C 522 15.89 -8.07 -18.25
CA PHE C 522 16.95 -8.90 -18.78
C PHE C 522 18.26 -8.60 -18.04
N LEU C 523 18.65 -7.33 -18.08
CA LEU C 523 19.89 -6.91 -17.44
C LEU C 523 19.97 -7.33 -15.97
N TYR C 524 18.85 -7.29 -15.25
CA TYR C 524 18.85 -7.61 -13.84
C TYR C 524 18.62 -9.08 -13.41
N GLY C 525 18.60 -10.01 -14.37
CA GLY C 525 18.46 -11.41 -14.01
C GLY C 525 17.18 -12.18 -14.28
N ALA C 526 16.29 -11.63 -15.11
CA ALA C 526 15.05 -12.32 -15.43
C ALA C 526 15.34 -13.67 -16.09
N GLY C 527 14.53 -14.67 -15.79
CA GLY C 527 14.72 -15.98 -16.39
C GLY C 527 14.16 -16.02 -17.80
N ASP C 528 14.40 -17.11 -18.52
CA ASP C 528 13.91 -17.22 -19.88
C ASP C 528 12.41 -16.99 -19.98
N GLU C 529 11.65 -17.59 -19.06
CA GLU C 529 10.21 -17.44 -19.08
C GLU C 529 9.77 -16.01 -18.71
N LYS C 530 10.40 -15.42 -17.71
CA LYS C 530 10.05 -14.06 -17.32
C LYS C 530 10.24 -13.15 -18.52
N ILE C 531 11.34 -13.36 -19.24
CA ILE C 531 11.61 -12.54 -20.43
C ILE C 531 10.49 -12.77 -21.45
N GLY C 532 9.97 -14.00 -21.48
CA GLY C 532 8.90 -14.31 -22.41
C GLY C 532 7.65 -13.53 -22.05
N GLN C 533 7.25 -13.64 -20.78
CA GLN C 533 6.06 -12.95 -20.30
C GLN C 533 6.11 -11.47 -20.65
N ILE C 534 7.23 -10.84 -20.31
CA ILE C 534 7.43 -9.42 -20.57
C ILE C 534 7.22 -9.04 -22.04
N VAL C 535 7.72 -9.89 -22.93
CA VAL C 535 7.59 -9.63 -24.36
C VAL C 535 6.37 -10.33 -24.97
N GLY C 536 5.55 -10.92 -24.11
CA GLY C 536 4.35 -11.60 -24.59
C GLY C 536 4.65 -12.83 -25.43
N ALA C 537 5.55 -13.68 -24.97
CA ALA C 537 5.90 -14.91 -25.69
C ALA C 537 6.27 -16.00 -24.70
N GLY C 538 6.93 -17.04 -25.19
CA GLY C 538 7.29 -18.14 -24.31
C GLY C 538 8.76 -18.20 -23.93
N LYS C 539 9.10 -19.14 -23.06
CA LYS C 539 10.48 -19.30 -22.60
C LYS C 539 11.44 -19.41 -23.77
N GLU C 540 10.97 -19.99 -24.87
CA GLU C 540 11.80 -20.14 -26.05
C GLU C 540 12.25 -18.79 -26.58
N ARG C 541 11.31 -17.87 -26.74
CA ARG C 541 11.60 -16.53 -27.22
C ARG C 541 12.49 -15.82 -26.20
N GLY C 542 12.35 -16.21 -24.94
CA GLY C 542 13.14 -15.62 -23.88
C GLY C 542 14.61 -15.90 -24.05
N LYS C 543 14.96 -17.18 -24.23
CA LYS C 543 16.34 -17.57 -24.41
C LYS C 543 16.99 -16.87 -25.59
N GLU C 544 16.23 -16.69 -26.67
CA GLU C 544 16.75 -16.04 -27.87
C GLU C 544 17.20 -14.62 -27.55
N LEU C 545 16.26 -13.78 -27.12
CA LEU C 545 16.56 -12.40 -26.78
C LEU C 545 17.68 -12.33 -25.77
N LYS C 546 17.70 -13.29 -24.85
CA LYS C 546 18.72 -13.34 -23.82
C LYS C 546 20.11 -13.52 -24.43
N LYS C 547 20.28 -14.56 -25.24
CA LYS C 547 21.58 -14.81 -25.85
C LYS C 547 21.95 -13.79 -26.92
N LYS C 548 20.94 -13.15 -27.53
CA LYS C 548 21.21 -12.15 -28.54
C LYS C 548 21.81 -10.89 -27.92
N PHE C 549 21.23 -10.42 -26.83
CA PHE C 549 21.72 -9.22 -26.17
C PHE C 549 22.98 -9.48 -25.35
N LEU C 550 23.08 -10.68 -24.78
CA LEU C 550 24.26 -11.04 -23.99
C LEU C 550 25.45 -11.24 -24.93
N GLU C 551 25.17 -11.64 -26.16
CA GLU C 551 26.23 -11.85 -27.15
C GLU C 551 26.65 -10.51 -27.75
N ASN C 552 25.69 -9.60 -27.90
CA ASN C 552 25.98 -8.28 -28.47
C ASN C 552 26.92 -7.46 -27.56
N THR C 553 26.78 -7.61 -26.24
CA THR C 553 27.66 -6.91 -25.31
C THR C 553 28.12 -7.88 -24.23
N PRO C 554 29.14 -8.69 -24.52
CA PRO C 554 29.69 -9.66 -23.57
C PRO C 554 30.26 -9.01 -22.32
N ALA C 555 30.41 -7.69 -22.33
CA ALA C 555 30.93 -6.98 -21.17
C ALA C 555 29.95 -7.15 -20.00
N ILE C 556 28.69 -7.43 -20.32
CA ILE C 556 27.70 -7.61 -19.26
C ILE C 556 28.11 -8.80 -18.41
N ALA C 557 28.49 -9.89 -19.05
CA ALA C 557 28.92 -11.08 -18.32
C ALA C 557 30.16 -10.76 -17.48
N ALA C 558 31.12 -10.06 -18.08
CA ALA C 558 32.37 -9.70 -17.38
C ALA C 558 32.10 -8.85 -16.13
N LEU C 559 31.20 -7.88 -16.27
CA LEU C 559 30.86 -7.02 -15.15
C LEU C 559 30.19 -7.85 -14.04
N ARG C 560 29.24 -8.69 -14.43
CA ARG C 560 28.54 -9.56 -13.47
C ARG C 560 29.50 -10.45 -12.70
N GLU C 561 30.49 -11.00 -13.40
CA GLU C 561 31.46 -11.88 -12.77
C GLU C 561 32.38 -11.12 -11.82
N SER C 562 32.85 -9.95 -12.22
CA SER C 562 33.74 -9.21 -11.35
C SER C 562 33.03 -8.85 -10.05
N ILE C 563 31.74 -8.51 -10.13
CA ILE C 563 30.97 -8.17 -8.95
C ILE C 563 30.94 -9.37 -8.02
N GLN C 564 30.66 -10.55 -8.59
CA GLN C 564 30.62 -11.78 -7.82
C GLN C 564 31.94 -12.02 -7.12
N GLN C 565 33.02 -11.91 -7.89
CA GLN C 565 34.38 -12.11 -7.40
C GLN C 565 34.68 -11.21 -6.20
N THR C 566 34.06 -10.03 -6.19
CA THR C 566 34.26 -9.06 -5.12
C THR C 566 33.40 -9.31 -3.89
N LEU C 567 32.17 -9.79 -4.12
CA LEU C 567 31.25 -10.03 -3.01
C LEU C 567 31.25 -11.44 -2.45
N VAL C 568 31.23 -12.43 -3.33
CA VAL C 568 31.15 -13.83 -2.91
C VAL C 568 32.43 -14.63 -2.91
N GLU C 569 32.71 -15.31 -1.80
CA GLU C 569 33.88 -16.15 -1.73
C GLU C 569 33.44 -17.60 -1.87
N SER C 570 32.15 -17.84 -1.60
CA SER C 570 31.56 -19.17 -1.67
C SER C 570 30.04 -19.12 -1.49
N SER C 571 29.34 -20.08 -2.12
CA SER C 571 27.88 -20.14 -2.03
C SER C 571 27.38 -21.57 -2.23
N GLN C 578 19.47 -19.77 -0.83
CA GLN C 578 20.84 -20.25 -0.94
C GLN C 578 21.70 -19.65 0.17
N GLN C 579 22.48 -20.48 0.85
CA GLN C 579 23.35 -19.98 1.92
C GLN C 579 24.66 -19.56 1.28
N VAL C 580 25.00 -18.28 1.45
CA VAL C 580 26.21 -17.72 0.86
C VAL C 580 27.27 -17.32 1.88
N LYS C 581 28.54 -17.51 1.54
CA LYS C 581 29.63 -17.10 2.41
C LYS C 581 30.18 -15.84 1.76
N TRP C 582 30.00 -14.71 2.43
CA TRP C 582 30.43 -13.44 1.88
C TRP C 582 31.85 -12.98 2.18
N LYS C 583 32.43 -12.35 1.16
CA LYS C 583 33.76 -11.79 1.25
C LYS C 583 33.50 -10.40 1.85
N ARG C 584 32.52 -9.71 1.27
CA ARG C 584 32.08 -8.40 1.71
C ARG C 584 30.60 -8.34 1.32
N ARG C 585 29.74 -7.81 2.17
CA ARG C 585 28.33 -7.78 1.79
C ARG C 585 27.79 -6.43 1.36
N TRP C 586 28.68 -5.56 0.88
CA TRP C 586 28.24 -4.25 0.43
C TRP C 586 29.03 -3.72 -0.75
N ILE C 587 28.38 -2.89 -1.54
CA ILE C 587 28.95 -2.25 -2.71
C ILE C 587 29.30 -0.84 -2.28
N LYS C 588 30.39 -0.28 -2.82
CA LYS C 588 30.78 1.08 -2.49
C LYS C 588 30.07 2.02 -3.44
N GLY C 589 29.10 2.78 -2.93
CA GLY C 589 28.36 3.69 -3.77
C GLY C 589 29.20 4.84 -4.29
N LEU C 590 28.67 5.55 -5.30
CA LEU C 590 29.36 6.67 -5.91
C LEU C 590 29.82 7.76 -4.93
N ASP C 591 29.10 7.92 -3.82
CA ASP C 591 29.47 8.95 -2.86
C ASP C 591 30.15 8.35 -1.64
N GLY C 592 30.64 7.12 -1.77
CA GLY C 592 31.34 6.45 -0.69
C GLY C 592 30.56 5.57 0.26
N ARG C 593 29.25 5.76 0.35
CA ARG C 593 28.43 4.97 1.26
C ARG C 593 28.49 3.47 0.98
N LYS C 594 28.16 2.70 2.00
CA LYS C 594 28.10 1.25 1.86
C LYS C 594 26.69 0.98 1.34
N VAL C 595 26.57 0.09 0.36
CA VAL C 595 25.25 -0.24 -0.16
C VAL C 595 25.07 -1.75 0.02
N HIS C 596 24.20 -2.11 0.96
CA HIS C 596 23.93 -3.52 1.27
C HIS C 596 23.47 -4.33 0.07
N VAL C 597 24.02 -5.52 -0.11
CA VAL C 597 23.63 -6.40 -1.19
C VAL C 597 22.83 -7.54 -0.57
N ARG C 598 21.55 -7.62 -0.92
CA ARG C 598 20.68 -8.65 -0.37
C ARG C 598 20.96 -10.01 -0.96
N SER C 599 21.37 -10.03 -2.23
CA SER C 599 21.62 -11.29 -2.91
C SER C 599 22.70 -11.19 -3.99
N PRO C 600 23.52 -12.24 -4.13
CA PRO C 600 24.57 -12.25 -5.15
C PRO C 600 23.97 -12.00 -6.52
N HIS C 601 22.83 -12.64 -6.76
CA HIS C 601 22.14 -12.52 -8.02
C HIS C 601 21.64 -11.11 -8.31
N ALA C 602 21.28 -10.38 -7.27
CA ALA C 602 20.77 -9.02 -7.42
C ALA C 602 21.87 -7.95 -7.40
N ALA C 603 23.11 -8.37 -7.16
CA ALA C 603 24.23 -7.42 -7.10
C ALA C 603 24.27 -6.41 -8.23
N LEU C 604 24.16 -6.87 -9.48
CA LEU C 604 24.18 -5.93 -10.60
C LEU C 604 23.11 -4.85 -10.46
N ASN C 605 21.93 -5.24 -9.99
CA ASN C 605 20.84 -4.28 -9.80
C ASN C 605 21.17 -3.32 -8.65
N THR C 606 21.88 -3.81 -7.64
CA THR C 606 22.26 -2.97 -6.52
C THR C 606 23.23 -1.93 -7.03
N LEU C 607 24.23 -2.37 -7.77
CA LEU C 607 25.25 -1.50 -8.33
C LEU C 607 24.70 -0.42 -9.26
N LEU C 608 23.81 -0.79 -10.18
CA LEU C 608 23.27 0.18 -11.11
C LEU C 608 22.15 1.06 -10.56
N GLN C 609 21.24 0.48 -9.78
CA GLN C 609 20.16 1.28 -9.23
C GLN C 609 20.74 2.31 -8.29
N SER C 610 21.76 1.90 -7.53
CA SER C 610 22.37 2.83 -6.59
C SER C 610 23.06 3.96 -7.35
N ALA C 611 23.84 3.60 -8.36
CA ALA C 611 24.54 4.61 -9.15
C ALA C 611 23.52 5.63 -9.67
N GLY C 612 22.45 5.13 -10.26
CA GLY C 612 21.42 6.02 -10.79
C GLY C 612 20.75 6.86 -9.70
N ALA C 613 20.55 6.27 -8.53
CA ALA C 613 19.90 6.98 -7.45
C ALA C 613 20.76 8.13 -6.93
N LEU C 614 22.04 7.87 -6.70
CA LEU C 614 22.92 8.91 -6.21
C LEU C 614 23.14 9.98 -7.27
N ILE C 615 23.23 9.59 -8.54
CA ILE C 615 23.42 10.58 -9.59
C ILE C 615 22.20 11.51 -9.58
N CYS C 616 21.02 10.92 -9.62
CA CYS C 616 19.80 11.71 -9.62
C CYS C 616 19.64 12.57 -8.37
N LYS C 617 20.06 12.03 -7.23
CA LYS C 617 19.93 12.76 -5.99
C LYS C 617 20.83 14.01 -6.03
N LEU C 618 22.08 13.82 -6.48
CA LEU C 618 23.01 14.95 -6.56
C LEU C 618 22.50 15.90 -7.65
N TRP C 619 21.82 15.34 -8.62
CA TRP C 619 21.27 16.10 -9.73
C TRP C 619 20.20 17.11 -9.30
N ILE C 620 19.17 16.66 -8.59
CA ILE C 620 18.10 17.56 -8.17
C ILE C 620 18.66 18.62 -7.21
N ILE C 621 19.64 18.22 -6.41
CA ILE C 621 20.29 19.14 -5.48
C ILE C 621 21.02 20.23 -6.26
N LYS C 622 21.87 19.80 -7.19
CA LYS C 622 22.64 20.74 -8.01
C LYS C 622 21.73 21.60 -8.89
N THR C 623 20.63 21.03 -9.38
CA THR C 623 19.73 21.79 -10.22
C THR C 623 19.15 22.96 -9.44
N GLU C 624 18.60 22.68 -8.28
CA GLU C 624 18.02 23.75 -7.48
C GLU C 624 19.05 24.81 -7.09
N GLU C 625 20.27 24.38 -6.78
CA GLU C 625 21.32 25.31 -6.40
C GLU C 625 21.67 26.23 -7.56
N MET C 626 21.81 25.67 -8.76
CA MET C 626 22.11 26.48 -9.92
C MET C 626 20.98 27.48 -10.18
N LEU C 627 19.74 27.06 -9.96
CA LEU C 627 18.61 27.96 -10.17
C LEU C 627 18.69 29.12 -9.20
N VAL C 628 18.94 28.81 -7.93
CA VAL C 628 19.04 29.84 -6.90
C VAL C 628 20.19 30.82 -7.21
N GLU C 629 21.32 30.30 -7.68
CA GLU C 629 22.44 31.18 -7.99
C GLU C 629 22.16 32.05 -9.21
N LYS C 630 21.11 31.69 -9.96
CA LYS C 630 20.73 32.47 -11.13
C LYS C 630 19.69 33.52 -10.73
N GLY C 631 19.41 33.61 -9.43
CA GLY C 631 18.46 34.59 -8.93
C GLY C 631 17.03 34.10 -8.77
N LEU C 632 16.74 32.88 -9.20
CA LEU C 632 15.38 32.36 -9.07
C LEU C 632 15.12 31.97 -7.63
N LYS C 633 13.91 32.21 -7.14
CA LYS C 633 13.55 31.86 -5.77
C LYS C 633 12.64 30.64 -5.72
N HIS C 634 12.94 29.72 -4.80
CA HIS C 634 12.17 28.49 -4.66
C HIS C 634 10.96 28.68 -3.76
N GLY C 635 9.78 28.61 -4.36
CA GLY C 635 8.54 28.77 -3.60
C GLY C 635 7.39 29.31 -4.42
N TRP C 636 6.17 29.11 -3.94
CA TRP C 636 4.99 29.57 -4.64
C TRP C 636 4.96 31.10 -4.62
N ASP C 637 5.75 31.69 -3.73
CA ASP C 637 5.82 33.14 -3.62
C ASP C 637 7.08 33.58 -4.35
N GLY C 638 7.57 32.72 -5.24
CA GLY C 638 8.78 33.02 -5.99
C GLY C 638 8.70 32.71 -7.47
N ASP C 639 9.71 32.00 -7.98
CA ASP C 639 9.76 31.70 -9.40
C ASP C 639 9.50 30.24 -9.77
N PHE C 640 9.94 29.32 -8.92
CA PHE C 640 9.74 27.90 -9.20
C PHE C 640 9.45 27.10 -7.93
N ALA C 641 8.92 25.90 -8.12
CA ALA C 641 8.60 25.04 -6.99
C ALA C 641 8.69 23.57 -7.34
N TYR C 642 9.54 22.84 -6.63
CA TYR C 642 9.66 21.40 -6.86
C TYR C 642 8.31 20.81 -6.43
N MET C 643 7.69 20.04 -7.31
CA MET C 643 6.42 19.42 -7.00
C MET C 643 6.59 17.92 -6.78
N ALA C 644 7.50 17.31 -7.54
CA ALA C 644 7.72 15.88 -7.39
C ALA C 644 9.05 15.38 -7.94
N TRP C 645 9.57 14.35 -7.31
CA TRP C 645 10.80 13.71 -7.73
C TRP C 645 10.51 12.22 -7.79
N VAL C 646 10.43 11.68 -8.99
CA VAL C 646 10.14 10.25 -9.17
C VAL C 646 11.33 9.54 -9.78
N HIS C 647 12.31 9.25 -8.91
CA HIS C 647 13.54 8.57 -9.28
C HIS C 647 14.46 9.37 -10.20
N ASP C 648 14.32 9.26 -11.52
CA ASP C 648 15.20 10.02 -12.40
C ASP C 648 14.39 11.10 -13.12
N GLU C 649 13.36 11.59 -12.45
CA GLU C 649 12.48 12.59 -13.03
C GLU C 649 11.99 13.62 -12.02
N ILE C 650 11.95 14.88 -12.44
CA ILE C 650 11.46 15.94 -11.59
C ILE C 650 10.39 16.71 -12.36
N GLN C 651 9.40 17.18 -11.62
CA GLN C 651 8.32 17.96 -12.19
C GLN C 651 8.38 19.24 -11.37
N VAL C 652 8.61 20.35 -12.05
CA VAL C 652 8.72 21.65 -11.39
C VAL C 652 7.71 22.67 -11.87
N GLY C 653 7.03 23.31 -10.93
CA GLY C 653 6.08 24.34 -11.27
C GLY C 653 6.86 25.63 -11.49
N CYS C 654 6.51 26.39 -12.50
CA CYS C 654 7.21 27.65 -12.80
C CYS C 654 6.21 28.77 -12.99
N ARG C 655 6.52 29.95 -12.47
CA ARG C 655 5.62 31.08 -12.59
C ARG C 655 5.42 31.52 -14.04
N THR C 656 6.41 31.28 -14.90
CA THR C 656 6.30 31.69 -16.32
C THR C 656 6.98 30.70 -17.26
N GLU C 657 6.65 30.77 -18.54
CA GLU C 657 7.24 29.89 -19.54
C GLU C 657 8.74 30.12 -19.58
N GLU C 658 9.14 31.39 -19.56
CA GLU C 658 10.55 31.74 -19.59
C GLU C 658 11.32 30.99 -18.50
N ILE C 659 10.78 31.00 -17.29
CA ILE C 659 11.39 30.31 -16.15
C ILE C 659 11.42 28.80 -16.40
N ALA C 660 10.33 28.27 -16.94
CA ALA C 660 10.25 26.85 -17.25
C ALA C 660 11.37 26.50 -18.23
N GLN C 661 11.59 27.36 -19.22
CA GLN C 661 12.66 27.13 -20.21
C GLN C 661 14.00 27.12 -19.49
N VAL C 662 14.20 28.01 -18.52
CA VAL C 662 15.47 28.04 -17.80
C VAL C 662 15.62 26.84 -16.85
N VAL C 663 14.53 26.35 -16.28
CA VAL C 663 14.61 25.19 -15.40
C VAL C 663 15.04 23.95 -16.19
N ILE C 664 14.51 23.82 -17.40
CA ILE C 664 14.83 22.71 -18.28
C ILE C 664 16.30 22.73 -18.70
N GLU C 665 16.80 23.90 -19.07
CA GLU C 665 18.19 24.03 -19.50
C GLU C 665 19.14 23.88 -18.31
N THR C 666 18.72 24.36 -17.14
CA THR C 666 19.56 24.27 -15.96
C THR C 666 19.68 22.82 -15.48
N ALA C 667 18.61 22.07 -15.65
CA ALA C 667 18.63 20.67 -15.23
C ALA C 667 19.63 19.88 -16.11
N GLN C 668 19.76 20.26 -17.37
CA GLN C 668 20.69 19.60 -18.28
C GLN C 668 22.13 19.96 -17.89
N GLU C 669 22.35 21.23 -17.54
CA GLU C 669 23.69 21.66 -17.12
C GLU C 669 24.10 20.92 -15.85
N ALA C 670 23.14 20.78 -14.93
CA ALA C 670 23.37 20.10 -13.67
C ALA C 670 23.70 18.62 -13.85
N MET C 671 22.99 17.95 -14.76
CA MET C 671 23.24 16.54 -14.98
C MET C 671 24.66 16.33 -15.49
N ARG C 672 25.08 17.16 -16.45
CA ARG C 672 26.42 17.04 -17.01
C ARG C 672 27.44 17.39 -15.92
N TRP C 673 27.07 18.27 -15.01
CA TRP C 673 27.99 18.63 -13.91
C TRP C 673 28.18 17.38 -13.04
N VAL C 674 27.07 16.71 -12.71
CA VAL C 674 27.12 15.50 -11.90
C VAL C 674 27.98 14.43 -12.58
N GLY C 675 27.85 14.30 -13.89
CA GLY C 675 28.65 13.32 -14.61
C GLY C 675 30.12 13.64 -14.53
N ASP C 676 30.48 14.90 -14.67
CA ASP C 676 31.88 15.30 -14.60
C ASP C 676 32.37 15.15 -13.17
N HIS C 677 31.51 15.48 -12.22
CA HIS C 677 31.83 15.41 -10.80
C HIS C 677 32.31 14.04 -10.34
N TRP C 678 31.69 12.98 -10.86
CA TRP C 678 32.08 11.64 -10.45
C TRP C 678 32.84 10.88 -11.53
N ASN C 679 33.45 11.63 -12.45
CA ASN C 679 34.24 11.04 -13.52
C ASN C 679 33.49 9.89 -14.21
N PHE C 680 32.25 10.13 -14.61
CA PHE C 680 31.51 9.07 -15.26
C PHE C 680 32.03 8.79 -16.65
N ARG C 681 32.11 7.50 -16.99
CA ARG C 681 32.62 7.08 -18.28
C ARG C 681 31.58 7.04 -19.38
N CYS C 682 30.40 7.56 -19.10
CA CYS C 682 29.35 7.65 -20.11
C CYS C 682 28.78 9.05 -19.97
N LEU C 683 28.55 9.72 -21.08
CA LEU C 683 27.99 11.06 -21.04
C LEU C 683 26.55 10.95 -20.51
N LEU C 684 26.17 11.85 -19.62
CA LEU C 684 24.83 11.83 -19.05
C LEU C 684 23.94 12.89 -19.68
N ASP C 685 22.65 12.58 -19.83
CA ASP C 685 21.71 13.51 -20.43
C ASP C 685 20.33 13.52 -19.78
N THR C 686 19.55 14.52 -20.13
CA THR C 686 18.19 14.67 -19.62
C THR C 686 17.33 15.13 -20.78
N GLU C 687 16.02 14.90 -20.68
CA GLU C 687 15.08 15.32 -21.70
C GLU C 687 14.03 16.12 -20.93
N GLY C 688 13.76 17.34 -21.40
CA GLY C 688 12.79 18.18 -20.73
C GLY C 688 11.58 18.54 -21.58
N LYS C 689 10.48 18.81 -20.90
CA LYS C 689 9.23 19.18 -21.58
C LYS C 689 8.49 20.24 -20.78
N MET C 690 7.93 21.21 -21.49
CA MET C 690 7.16 22.28 -20.87
C MET C 690 5.69 22.02 -21.17
N GLY C 691 4.83 22.19 -20.18
CA GLY C 691 3.41 21.96 -20.39
C GLY C 691 2.58 22.33 -19.17
N PRO C 692 1.25 22.19 -19.22
CA PRO C 692 0.39 22.53 -18.08
C PRO C 692 0.35 21.51 -16.94
N ASN C 693 0.43 20.22 -17.28
CA ASN C 693 0.36 19.18 -16.26
C ASN C 693 1.30 17.98 -16.48
N TRP C 694 1.13 16.94 -15.68
CA TRP C 694 1.97 15.75 -15.76
C TRP C 694 1.66 14.88 -16.98
N ALA C 695 0.46 14.98 -17.52
CA ALA C 695 0.11 14.18 -18.70
C ALA C 695 0.95 14.63 -19.89
N ILE C 696 1.20 15.93 -19.99
CA ILE C 696 1.97 16.47 -21.08
C ILE C 696 3.46 16.54 -20.78
N CYS C 697 3.82 16.71 -19.51
CA CYS C 697 5.22 16.82 -19.13
C CYS C 697 6.00 15.54 -18.83
N HIS C 698 5.46 14.38 -19.20
CA HIS C 698 6.19 13.13 -18.97
C HIS C 698 5.91 12.13 -20.05
N LYS D 3 -42.67 -40.10 -4.34
CA LYS D 3 -43.82 -39.27 -3.87
C LYS D 3 -43.40 -37.85 -3.50
N ILE D 4 -42.10 -37.61 -3.41
CA ILE D 4 -41.59 -36.28 -3.09
C ILE D 4 -41.50 -35.43 -4.36
N ILE D 5 -41.87 -34.16 -4.25
CA ILE D 5 -41.82 -33.26 -5.39
C ILE D 5 -40.47 -32.57 -5.41
N HIS D 6 -39.77 -32.69 -6.53
CA HIS D 6 -38.46 -32.08 -6.69
C HIS D 6 -38.63 -30.72 -7.37
N LEU D 7 -38.56 -29.66 -6.57
CA LEU D 7 -38.74 -28.31 -7.05
C LEU D 7 -37.55 -27.69 -7.80
N THR D 8 -37.84 -26.56 -8.45
CA THR D 8 -36.86 -25.75 -9.18
C THR D 8 -37.33 -24.33 -8.93
N ASP D 9 -36.45 -23.36 -9.13
CA ASP D 9 -36.78 -21.97 -8.92
C ASP D 9 -38.00 -21.58 -9.74
N ASP D 10 -38.02 -21.97 -11.01
CA ASP D 10 -39.11 -21.61 -11.90
C ASP D 10 -40.45 -22.27 -11.63
N SER D 11 -40.46 -23.42 -10.98
CA SER D 11 -41.72 -24.11 -10.70
C SER D 11 -42.18 -23.93 -9.27
N PHE D 12 -41.33 -23.32 -8.44
CA PHE D 12 -41.67 -23.13 -7.04
C PHE D 12 -42.96 -22.35 -6.83
N ASP D 13 -43.17 -21.31 -7.63
CA ASP D 13 -44.37 -20.49 -7.50
C ASP D 13 -45.67 -21.29 -7.68
N THR D 14 -45.81 -22.02 -8.78
CA THR D 14 -47.05 -22.77 -8.98
C THR D 14 -47.11 -24.08 -8.20
N ASP D 15 -45.98 -24.69 -7.91
CA ASP D 15 -45.99 -25.95 -7.17
C ASP D 15 -46.22 -25.77 -5.68
N VAL D 16 -45.78 -24.63 -5.15
CA VAL D 16 -45.91 -24.37 -3.73
C VAL D 16 -46.89 -23.25 -3.39
N LEU D 17 -46.60 -22.05 -3.85
CA LEU D 17 -47.43 -20.89 -3.56
C LEU D 17 -48.87 -20.95 -4.07
N LYS D 18 -49.17 -21.91 -4.94
CA LYS D 18 -50.53 -22.04 -5.49
C LYS D 18 -51.03 -23.47 -5.36
N ALA D 19 -50.31 -24.28 -4.60
CA ALA D 19 -50.67 -25.68 -4.41
C ALA D 19 -52.06 -25.95 -3.86
N ASP D 20 -52.60 -25.05 -3.04
CA ASP D 20 -53.93 -25.27 -2.45
C ASP D 20 -53.96 -26.60 -1.72
N GLY D 21 -53.13 -26.70 -0.69
CA GLY D 21 -53.02 -27.90 0.12
C GLY D 21 -51.81 -27.66 1.00
N ALA D 22 -51.48 -28.61 1.87
CA ALA D 22 -50.32 -28.43 2.74
C ALA D 22 -49.06 -28.94 2.04
N ILE D 23 -48.07 -28.07 1.93
CA ILE D 23 -46.81 -28.42 1.29
C ILE D 23 -45.64 -28.20 2.24
N LEU D 24 -44.86 -29.25 2.49
CA LEU D 24 -43.70 -29.14 3.34
C LEU D 24 -42.49 -29.02 2.44
N VAL D 25 -41.84 -27.87 2.44
CA VAL D 25 -40.67 -27.68 1.61
C VAL D 25 -39.39 -27.83 2.41
N ASP D 26 -38.44 -28.55 1.85
CA ASP D 26 -37.17 -28.76 2.51
C ASP D 26 -36.04 -28.13 1.71
N PHE D 27 -35.39 -27.12 2.29
CA PHE D 27 -34.28 -26.47 1.63
C PHE D 27 -33.04 -27.19 2.10
N TRP D 28 -32.33 -27.81 1.17
CA TRP D 28 -31.13 -28.57 1.52
C TRP D 28 -29.96 -28.31 0.58
N ALA D 29 -28.85 -28.99 0.87
CA ALA D 29 -27.65 -28.89 0.06
C ALA D 29 -26.94 -30.22 0.24
N GLU D 30 -26.27 -30.67 -0.81
CA GLU D 30 -25.57 -31.95 -0.77
C GLU D 30 -24.39 -31.98 0.22
N TRP D 31 -23.87 -30.80 0.57
CA TRP D 31 -22.73 -30.71 1.47
C TRP D 31 -23.05 -30.53 2.94
N CYS D 32 -24.32 -30.70 3.30
CA CYS D 32 -24.74 -30.53 4.69
C CYS D 32 -24.98 -31.86 5.39
N GLY D 33 -24.37 -32.04 6.56
CA GLY D 33 -24.54 -33.27 7.31
C GLY D 33 -25.97 -33.49 7.74
N PRO D 34 -26.56 -32.53 8.46
CA PRO D 34 -27.94 -32.68 8.91
C PRO D 34 -28.94 -32.93 7.76
N CYS D 35 -28.65 -32.33 6.59
CA CYS D 35 -29.53 -32.52 5.44
C CYS D 35 -29.57 -33.97 5.00
N LYS D 36 -28.42 -34.62 5.01
CA LYS D 36 -28.35 -36.02 4.61
C LYS D 36 -29.07 -36.90 5.64
N MET D 37 -29.12 -36.43 6.88
CA MET D 37 -29.77 -37.18 7.95
C MET D 37 -31.27 -37.25 7.78
N ILE D 38 -31.87 -36.07 7.63
CA ILE D 38 -33.32 -35.94 7.50
C ILE D 38 -33.91 -36.41 6.17
N ALA D 39 -33.09 -36.56 5.14
CA ALA D 39 -33.58 -37.00 3.84
C ALA D 39 -34.39 -38.30 3.95
N PRO D 40 -33.78 -39.38 4.46
CA PRO D 40 -34.51 -40.65 4.58
C PRO D 40 -35.84 -40.48 5.31
N ILE D 41 -35.83 -39.63 6.34
CA ILE D 41 -37.01 -39.36 7.14
C ILE D 41 -38.12 -38.70 6.35
N LEU D 42 -37.75 -37.90 5.35
CA LEU D 42 -38.74 -37.21 4.53
C LEU D 42 -39.39 -38.20 3.56
N ASP D 43 -38.64 -39.22 3.16
CA ASP D 43 -39.18 -40.24 2.26
C ASP D 43 -40.32 -40.96 2.94
N GLU D 44 -40.07 -41.44 4.16
CA GLU D 44 -41.09 -42.14 4.92
C GLU D 44 -42.29 -41.23 5.16
N ILE D 45 -42.01 -39.99 5.57
CA ILE D 45 -43.07 -39.02 5.83
C ILE D 45 -43.95 -38.83 4.60
N ALA D 46 -43.34 -38.65 3.44
CA ALA D 46 -44.09 -38.44 2.21
C ALA D 46 -45.21 -39.47 2.07
N ASP D 47 -44.90 -40.73 2.34
CA ASP D 47 -45.89 -41.80 2.26
C ASP D 47 -46.97 -41.64 3.31
N GLU D 48 -46.61 -41.93 4.56
CA GLU D 48 -47.51 -41.83 5.69
C GLU D 48 -48.48 -40.65 5.64
N TYR D 49 -48.02 -39.51 5.14
CA TYR D 49 -48.87 -38.33 5.08
C TYR D 49 -49.46 -38.05 3.71
N GLN D 50 -49.39 -39.05 2.83
CA GLN D 50 -49.92 -38.90 1.49
C GLN D 50 -51.42 -38.69 1.58
N GLY D 51 -51.89 -37.59 1.02
CA GLY D 51 -53.30 -37.28 1.06
C GLY D 51 -53.58 -35.98 1.77
N LYS D 52 -52.94 -35.78 2.92
CA LYS D 52 -53.14 -34.55 3.67
C LYS D 52 -51.91 -33.64 3.67
N LEU D 53 -50.82 -34.11 3.05
CA LEU D 53 -49.59 -33.34 2.97
C LEU D 53 -48.68 -33.75 1.81
N THR D 54 -48.08 -32.75 1.17
CA THR D 54 -47.17 -33.00 0.06
C THR D 54 -45.77 -32.56 0.49
N VAL D 55 -44.78 -33.43 0.31
CA VAL D 55 -43.41 -33.12 0.67
C VAL D 55 -42.61 -32.71 -0.56
N ALA D 56 -42.00 -31.53 -0.50
CA ALA D 56 -41.21 -31.03 -1.62
C ALA D 56 -39.82 -30.64 -1.16
N LYS D 57 -38.83 -30.82 -2.03
CA LYS D 57 -37.46 -30.49 -1.72
C LYS D 57 -36.90 -29.51 -2.73
N LEU D 58 -36.13 -28.54 -2.23
CA LEU D 58 -35.51 -27.54 -3.09
C LEU D 58 -34.03 -27.44 -2.73
N ASN D 59 -33.18 -27.83 -3.68
CA ASN D 59 -31.74 -27.80 -3.50
C ASN D 59 -31.23 -26.36 -3.73
N ILE D 60 -30.82 -25.70 -2.66
CA ILE D 60 -30.34 -24.32 -2.74
C ILE D 60 -29.14 -24.07 -3.65
N ASP D 61 -28.46 -25.13 -4.07
CA ASP D 61 -27.33 -24.98 -4.99
C ASP D 61 -27.82 -24.93 -6.43
N GLN D 62 -28.67 -25.89 -6.79
CA GLN D 62 -29.22 -25.95 -8.14
C GLN D 62 -30.22 -24.80 -8.36
N ASN D 63 -30.89 -24.39 -7.29
CA ASN D 63 -31.87 -23.31 -7.37
C ASN D 63 -31.54 -22.33 -6.28
N PRO D 64 -30.75 -21.30 -6.61
CA PRO D 64 -30.33 -20.26 -5.66
C PRO D 64 -31.24 -19.06 -5.51
N GLY D 65 -32.28 -18.96 -6.32
CA GLY D 65 -33.15 -17.79 -6.25
C GLY D 65 -34.28 -17.78 -5.24
N THR D 66 -34.75 -18.95 -4.85
CA THR D 66 -35.87 -19.06 -3.92
C THR D 66 -35.57 -18.83 -2.43
N ALA D 67 -34.60 -19.56 -1.88
CA ALA D 67 -34.25 -19.46 -0.46
C ALA D 67 -34.07 -18.04 0.09
N PRO D 68 -33.34 -17.17 -0.63
CA PRO D 68 -33.13 -15.79 -0.16
C PRO D 68 -34.43 -15.08 0.21
N LYS D 69 -35.48 -15.30 -0.56
CA LYS D 69 -36.76 -14.66 -0.30
C LYS D 69 -37.35 -15.09 1.03
N TYR D 70 -36.85 -16.18 1.59
CA TYR D 70 -37.37 -16.68 2.85
C TYR D 70 -36.38 -16.52 4.00
N GLY D 71 -35.32 -15.77 3.77
CA GLY D 71 -34.33 -15.51 4.79
C GLY D 71 -33.69 -16.75 5.40
N ILE D 72 -33.41 -17.74 4.56
CA ILE D 72 -32.77 -18.97 5.02
C ILE D 72 -31.41 -18.65 5.64
N ARG D 73 -31.20 -19.12 6.86
CA ARG D 73 -29.95 -18.85 7.55
C ARG D 73 -29.33 -20.17 8.01
N GLY D 74 -30.08 -21.26 7.86
CA GLY D 74 -29.58 -22.55 8.27
C GLY D 74 -30.24 -23.66 7.47
N ILE D 75 -29.54 -24.78 7.32
CA ILE D 75 -30.10 -25.91 6.58
C ILE D 75 -29.88 -27.19 7.39
N PRO D 76 -30.80 -28.15 7.27
CA PRO D 76 -32.01 -28.08 6.44
C PRO D 76 -33.11 -27.22 7.07
N THR D 77 -33.77 -26.43 6.25
CA THR D 77 -34.87 -25.61 6.74
C THR D 77 -36.17 -26.23 6.26
N LEU D 78 -37.12 -26.39 7.16
CA LEU D 78 -38.41 -26.99 6.82
C LEU D 78 -39.52 -25.94 6.87
N LEU D 79 -39.98 -25.54 5.69
CA LEU D 79 -41.05 -24.55 5.60
C LEU D 79 -42.35 -25.23 5.21
N LEU D 80 -43.36 -25.11 6.06
CA LEU D 80 -44.67 -25.71 5.80
C LEU D 80 -45.57 -24.64 5.21
N PHE D 81 -45.90 -24.79 3.92
CA PHE D 81 -46.75 -23.81 3.25
C PHE D 81 -48.22 -24.24 3.15
N LYS D 82 -49.09 -23.24 3.18
CA LYS D 82 -50.52 -23.47 3.08
C LYS D 82 -51.13 -22.20 2.48
N ASN D 83 -51.64 -22.33 1.26
CA ASN D 83 -52.23 -21.21 0.55
C ASN D 83 -51.25 -20.07 0.33
N GLY D 84 -50.14 -20.39 -0.34
CA GLY D 84 -49.13 -19.39 -0.66
C GLY D 84 -48.37 -18.69 0.45
N GLU D 85 -48.48 -19.19 1.68
CA GLU D 85 -47.76 -18.55 2.79
C GLU D 85 -47.17 -19.53 3.79
N VAL D 86 -46.09 -19.11 4.43
CA VAL D 86 -45.42 -19.94 5.43
C VAL D 86 -46.29 -20.05 6.67
N ALA D 87 -46.73 -21.27 6.97
CA ALA D 87 -47.57 -21.50 8.13
C ALA D 87 -46.71 -21.79 9.35
N ALA D 88 -45.61 -22.50 9.14
CA ALA D 88 -44.70 -22.86 10.22
C ALA D 88 -43.33 -23.20 9.66
N THR D 89 -42.29 -22.91 10.43
CA THR D 89 -40.94 -23.18 9.99
C THR D 89 -40.11 -23.80 11.11
N LYS D 90 -39.28 -24.78 10.76
CA LYS D 90 -38.43 -25.45 11.72
C LYS D 90 -37.07 -25.74 11.06
N VAL D 91 -35.98 -25.36 11.73
CA VAL D 91 -34.65 -25.56 11.19
C VAL D 91 -33.88 -26.64 11.94
N GLY D 92 -33.45 -27.68 11.24
CA GLY D 92 -32.70 -28.73 11.88
C GLY D 92 -33.06 -30.15 11.47
N ALA D 93 -32.14 -31.07 11.70
CA ALA D 93 -32.34 -32.47 11.37
C ALA D 93 -33.23 -33.13 12.41
N LEU D 94 -34.51 -32.80 12.38
CA LEU D 94 -35.47 -33.38 13.31
C LEU D 94 -35.48 -34.88 13.13
N SER D 95 -36.01 -35.58 14.12
CA SER D 95 -36.09 -37.03 14.04
C SER D 95 -37.48 -37.37 13.51
N LYS D 96 -37.66 -38.62 13.10
CA LYS D 96 -38.94 -39.08 12.58
C LYS D 96 -40.08 -38.58 13.47
N GLY D 97 -40.02 -38.94 14.76
CA GLY D 97 -41.05 -38.53 15.70
C GLY D 97 -41.27 -37.04 15.85
N GLN D 98 -40.19 -36.26 15.88
CA GLN D 98 -40.29 -34.82 16.02
C GLN D 98 -41.00 -34.19 14.81
N LEU D 99 -40.72 -34.72 13.62
CA LEU D 99 -41.35 -34.20 12.40
C LEU D 99 -42.85 -34.47 12.50
N LYS D 100 -43.20 -35.66 13.00
CA LYS D 100 -44.58 -36.05 13.17
C LYS D 100 -45.31 -35.10 14.13
N GLU D 101 -44.74 -34.88 15.31
CA GLU D 101 -45.37 -33.98 16.27
C GLU D 101 -45.62 -32.66 15.58
N PHE D 102 -44.56 -32.15 14.94
CA PHE D 102 -44.63 -30.88 14.22
C PHE D 102 -45.73 -30.86 13.16
N LEU D 103 -45.73 -31.86 12.29
CA LEU D 103 -46.73 -31.93 11.23
C LEU D 103 -48.16 -32.06 11.78
N ASP D 104 -48.39 -33.11 12.56
CA ASP D 104 -49.71 -33.35 13.13
C ASP D 104 -50.24 -32.12 13.85
N ALA D 105 -49.35 -31.38 14.49
CA ALA D 105 -49.74 -30.19 15.22
C ALA D 105 -50.12 -29.02 14.33
N ASN D 106 -49.44 -28.88 13.20
CA ASN D 106 -49.72 -27.75 12.30
C ASN D 106 -50.69 -28.07 11.18
N LEU D 107 -51.13 -29.33 11.11
CA LEU D 107 -52.09 -29.77 10.10
C LEU D 107 -53.43 -30.14 10.74
MG MG E . 7.13 -5.56 -2.37
MG MG F . 14.68 8.02 -17.63
MG MG G . 11.89 8.10 -15.34
MG MG H . 10.77 15.58 17.84
S SO4 I . 10.71 28.00 3.00
O1 SO4 I . 9.39 27.59 2.50
O2 SO4 I . 10.55 28.86 4.19
O3 SO4 I . 11.44 28.75 1.95
O4 SO4 I . 11.50 26.82 3.37
S SO4 J . 22.05 -2.15 15.34
O1 SO4 J . 22.93 -2.93 16.23
O2 SO4 J . 22.42 -2.40 13.94
O3 SO4 J . 22.20 -0.72 15.63
O4 SO4 J . 20.64 -2.55 15.55
PA D3T K . 13.02 5.11 -16.93
O1A D3T K . 11.66 4.65 -17.34
O2A D3T K . 13.30 6.56 -16.84
O5' D3T K . 13.34 4.39 -15.54
C5' D3T K . 14.42 4.82 -14.72
C4' D3T K . 15.21 3.61 -14.22
O4' D3T K . 14.34 2.72 -13.50
C1' D3T K . 14.76 1.37 -13.68
N1 D3T K . 13.65 0.58 -14.26
C6 D3T K . 12.66 1.17 -15.02
C2 D3T K . 13.64 -0.78 -14.01
O2 D3T K . 14.50 -1.35 -13.35
N3 D3T K . 12.60 -1.46 -14.57
C4 D3T K . 11.57 -0.94 -15.33
O4 D3T K . 10.69 -1.68 -15.76
C5 D3T K . 11.64 0.49 -15.57
C5M D3T K . 10.58 1.14 -16.40
C2' D3T K . 15.99 1.41 -14.58
C3' D3T K . 15.81 2.73 -15.31
O3A D3T K . 14.11 4.40 -17.83
PB D3T K . 15.22 5.11 -18.73
O1B D3T K . 16.21 4.09 -19.13
O2B D3T K . 15.68 6.35 -18.06
O3B D3T K . 14.33 5.47 -20.01
PG D3T K . 14.05 6.97 -20.47
O1G D3T K . 13.68 7.79 -19.28
O2G D3T K . 15.18 7.41 -21.33
O3G D3T K . 12.77 6.73 -21.25
O1 MES L . 9.21 43.00 16.71
C2 MES L . 8.31 41.88 16.55
C3 MES L . 8.35 40.96 17.79
N4 MES L . 9.73 40.50 18.00
C5 MES L . 10.67 41.63 18.13
C6 MES L . 10.57 42.55 16.92
C7 MES L . 9.81 39.63 19.18
C8 MES L . 10.97 38.64 19.15
S MES L . 11.20 37.82 20.70
O1S MES L . 12.41 38.43 21.26
O2S MES L . 11.39 36.42 20.43
O3S MES L . 10.04 38.08 21.54
OH2 1PE M . 5.94 15.31 14.70
C12 1PE M . 5.57 15.73 16.05
C22 1PE M . 4.39 16.75 15.98
OH3 1PE M . 3.43 16.35 17.01
C13 1PE M . 1.16 16.35 17.61
C23 1PE M . 2.25 17.25 17.05
OH4 1PE M . 0.61 15.61 16.49
C14 1PE M . -1.00 13.95 15.73
C24 1PE M . -0.49 14.70 16.93
OH5 1PE M . -0.14 12.79 15.65
C15 1PE M . 0.40 10.80 14.45
C25 1PE M . -0.53 12.00 14.52
OH6 1PE M . 1.74 11.25 14.54
C16 1PE M . 3.97 11.26 13.80
C26 1PE M . 2.54 11.36 13.38
OH7 1PE M . 4.60 12.51 13.52
#